data_7WUM
# 
_entry.id   7WUM 
# 
_audit_conform.dict_name       mmcif_pdbx.dic 
_audit_conform.dict_version    5.387 
_audit_conform.dict_location   http://mmcif.pdb.org/dictionaries/ascii/mmcif_pdbx.dic 
# 
loop_
_database_2.database_id 
_database_2.database_code 
_database_2.pdbx_database_accession 
_database_2.pdbx_DOI 
PDB   7WUM         pdb_00007wum 10.2210/pdb7wum/pdb 
WWPDB D_1300027556 ?            ?                   
# 
loop_
_pdbx_audit_revision_history.ordinal 
_pdbx_audit_revision_history.data_content_type 
_pdbx_audit_revision_history.major_revision 
_pdbx_audit_revision_history.minor_revision 
_pdbx_audit_revision_history.revision_date 
1 'Structure model' 1 0 2023-02-08 
2 'Structure model' 1 1 2024-04-03 
# 
_pdbx_audit_revision_details.ordinal             1 
_pdbx_audit_revision_details.revision_ordinal    1 
_pdbx_audit_revision_details.data_content_type   'Structure model' 
_pdbx_audit_revision_details.provider            repository 
_pdbx_audit_revision_details.type                'Initial release' 
_pdbx_audit_revision_details.description         ? 
_pdbx_audit_revision_details.details             ? 
# 
loop_
_pdbx_audit_revision_group.ordinal 
_pdbx_audit_revision_group.revision_ordinal 
_pdbx_audit_revision_group.data_content_type 
_pdbx_audit_revision_group.group 
1 2 'Structure model' 'Data collection'        
2 2 'Structure model' 'Refinement description' 
# 
loop_
_pdbx_audit_revision_category.ordinal 
_pdbx_audit_revision_category.revision_ordinal 
_pdbx_audit_revision_category.data_content_type 
_pdbx_audit_revision_category.category 
1 2 'Structure model' chem_comp_atom                
2 2 'Structure model' chem_comp_bond                
3 2 'Structure model' pdbx_initial_refinement_model 
# 
_pdbx_database_status.status_code                     REL 
_pdbx_database_status.status_code_sf                  REL 
_pdbx_database_status.status_code_mr                  ? 
_pdbx_database_status.entry_id                        7WUM 
_pdbx_database_status.recvd_initial_deposition_date   2022-02-08 
_pdbx_database_status.SG_entry                        N 
_pdbx_database_status.deposit_site                    PDBJ 
_pdbx_database_status.process_site                    PDBJ 
_pdbx_database_status.status_code_cs                  ? 
_pdbx_database_status.status_code_nmr_data            ? 
_pdbx_database_status.methods_development_category    ? 
_pdbx_database_status.pdb_format_compatible           Y 
# 
_pdbx_contact_author.id                 2 
_pdbx_contact_author.email              joeho@gate.sinica.edu.tw 
_pdbx_contact_author.name_first         Meng-Chiao 
_pdbx_contact_author.name_last          Ho 
_pdbx_contact_author.name_mi            ? 
_pdbx_contact_author.role               'principal investigator/group leader' 
_pdbx_contact_author.identifier_ORCID   0000-0002-5424-4524 
# 
loop_
_audit_author.name 
_audit_author.pdbx_ordinal 
_audit_author.identifier_ORCID 
'Ho, M.C.'  1 0000-0002-5424-4524 
'Cao, C.C.' 2 ?                   
# 
_citation.abstract                  ? 
_citation.abstract_id_CAS           ? 
_citation.book_id_ISBN              ? 
_citation.book_publisher            ? 
_citation.book_publisher_city       ? 
_citation.book_title                ? 
_citation.coordinate_linkage        ? 
_citation.country                   ? 
_citation.database_id_Medline       ? 
_citation.details                   ? 
_citation.id                        primary 
_citation.journal_abbrev            'To Be Published' 
_citation.journal_id_ASTM           ? 
_citation.journal_id_CSD            0353 
_citation.journal_id_ISSN           ? 
_citation.journal_full              ? 
_citation.journal_issue             ? 
_citation.journal_volume            ? 
_citation.language                  ? 
_citation.page_first                ? 
_citation.page_last                 ? 
_citation.title                     'Crystal structure of UBR box from PRT6' 
_citation.year                      ? 
_citation.database_id_CSD           ? 
_citation.pdbx_database_id_DOI      ? 
_citation.pdbx_database_id_PubMed   ? 
_citation.pdbx_database_id_patent   ? 
_citation.unpublished_flag          ? 
# 
loop_
_citation_author.citation_id 
_citation_author.name 
_citation_author.ordinal 
_citation_author.identifier_ORCID 
primary 'Ho, M.C.'  1 0000-0002-5424-4524 
primary 'Cao, C.C.' 2 ?                   
# 
loop_
_entity.id 
_entity.type 
_entity.src_method 
_entity.pdbx_description 
_entity.formula_weight 
_entity.pdbx_number_of_molecules 
_entity.pdbx_ec 
_entity.pdbx_mutation 
_entity.pdbx_fragment 
_entity.details 
1 polymer     syn '3-mer peptide'               347.349  1  ?        ? ? ? 
2 polymer     man 'E3 ubiquitin-protein ligase' 7919.854 1  2.3.2.27 ? ? ? 
3 non-polymer syn 'ZINC ION'                    65.409   3  ?        ? ? ? 
4 water       nat water                         18.015   41 ?        ? ? ? 
# 
_entity_name_com.entity_id   2 
_entity_name_com.name        PRT6 
# 
loop_
_entity_poly.entity_id 
_entity_poly.type 
_entity_poly.nstd_linkage 
_entity_poly.nstd_monomer 
_entity_poly.pdbx_seq_one_letter_code 
_entity_poly.pdbx_seq_one_letter_code_can 
_entity_poly.pdbx_strand_id 
_entity_poly.pdbx_target_identifier 
1 'polypeptide(L)' no no RDG                                                                      RDG X ? 
2 'polypeptide(L)' no no AVCGSVWGQNDLAYRCRTCEHDPTCAICVPCFQNGNHKDHDYSIMYTGGGCCDCGDTTAWKREGFCSRHKGA 
AVCGSVWGQNDLAYRCRTCEHDPTCAICVPCFQNGNHKDHDYSIMYTGGGCCDCGDTTAWKREGFCSRHKGA A ? 
# 
loop_
_pdbx_entity_nonpoly.entity_id 
_pdbx_entity_nonpoly.name 
_pdbx_entity_nonpoly.comp_id 
3 'ZINC ION' ZN  
4 water      HOH 
# 
loop_
_entity_poly_seq.entity_id 
_entity_poly_seq.num 
_entity_poly_seq.mon_id 
_entity_poly_seq.hetero 
1 1  ARG n 
1 2  ASP n 
1 3  GLY n 
2 1  ALA n 
2 2  VAL n 
2 3  CYS n 
2 4  GLY n 
2 5  SER n 
2 6  VAL n 
2 7  TRP n 
2 8  GLY n 
2 9  GLN n 
2 10 ASN n 
2 11 ASP n 
2 12 LEU n 
2 13 ALA n 
2 14 TYR n 
2 15 ARG n 
2 16 CYS n 
2 17 ARG n 
2 18 THR n 
2 19 CYS n 
2 20 GLU n 
2 21 HIS n 
2 22 ASP n 
2 23 PRO n 
2 24 THR n 
2 25 CYS n 
2 26 ALA n 
2 27 ILE n 
2 28 CYS n 
2 29 VAL n 
2 30 PRO n 
2 31 CYS n 
2 32 PHE n 
2 33 GLN n 
2 34 ASN n 
2 35 GLY n 
2 36 ASN n 
2 37 HIS n 
2 38 LYS n 
2 39 ASP n 
2 40 HIS n 
2 41 ASP n 
2 42 TYR n 
2 43 SER n 
2 44 ILE n 
2 45 MET n 
2 46 TYR n 
2 47 THR n 
2 48 GLY n 
2 49 GLY n 
2 50 GLY n 
2 51 CYS n 
2 52 CYS n 
2 53 ASP n 
2 54 CYS n 
2 55 GLY n 
2 56 ASP n 
2 57 THR n 
2 58 THR n 
2 59 ALA n 
2 60 TRP n 
2 61 LYS n 
2 62 ARG n 
2 63 GLU n 
2 64 GLY n 
2 65 PHE n 
2 66 CYS n 
2 67 SER n 
2 68 ARG n 
2 69 HIS n 
2 70 LYS n 
2 71 GLY n 
2 72 ALA n 
# 
_entity_src_gen.entity_id                          2 
_entity_src_gen.pdbx_src_id                        1 
_entity_src_gen.pdbx_alt_source_flag               sample 
_entity_src_gen.pdbx_seq_type                      'Biological sequence' 
_entity_src_gen.pdbx_beg_seq_num                   1 
_entity_src_gen.pdbx_end_seq_num                   72 
_entity_src_gen.gene_src_common_name               rice 
_entity_src_gen.gene_src_genus                     ? 
_entity_src_gen.pdbx_gene_src_gene                 'Os01g0148000, OSNPB_010148000' 
_entity_src_gen.gene_src_species                   ? 
_entity_src_gen.gene_src_strain                    ? 
_entity_src_gen.gene_src_tissue                    ? 
_entity_src_gen.gene_src_tissue_fraction           ? 
_entity_src_gen.gene_src_details                   ? 
_entity_src_gen.pdbx_gene_src_fragment             ? 
_entity_src_gen.pdbx_gene_src_scientific_name      'Oryza sativa subsp. japonica' 
_entity_src_gen.pdbx_gene_src_ncbi_taxonomy_id     39947 
_entity_src_gen.pdbx_gene_src_variant              ? 
_entity_src_gen.pdbx_gene_src_cell_line            ? 
_entity_src_gen.pdbx_gene_src_atcc                 ? 
_entity_src_gen.pdbx_gene_src_organ                ? 
_entity_src_gen.pdbx_gene_src_organelle            ? 
_entity_src_gen.pdbx_gene_src_cell                 ? 
_entity_src_gen.pdbx_gene_src_cellular_location    ? 
_entity_src_gen.host_org_common_name               ? 
_entity_src_gen.pdbx_host_org_scientific_name      'Escherichia coli' 
_entity_src_gen.pdbx_host_org_ncbi_taxonomy_id     562 
_entity_src_gen.host_org_genus                     ? 
_entity_src_gen.pdbx_host_org_gene                 ? 
_entity_src_gen.pdbx_host_org_organ                ? 
_entity_src_gen.host_org_species                   ? 
_entity_src_gen.pdbx_host_org_tissue               ? 
_entity_src_gen.pdbx_host_org_tissue_fraction      ? 
_entity_src_gen.pdbx_host_org_strain               ? 
_entity_src_gen.pdbx_host_org_variant              ? 
_entity_src_gen.pdbx_host_org_cell_line            ? 
_entity_src_gen.pdbx_host_org_atcc                 ? 
_entity_src_gen.pdbx_host_org_culture_collection   ? 
_entity_src_gen.pdbx_host_org_cell                 ? 
_entity_src_gen.pdbx_host_org_organelle            ? 
_entity_src_gen.pdbx_host_org_cellular_location    ? 
_entity_src_gen.pdbx_host_org_vector_type          ? 
_entity_src_gen.pdbx_host_org_vector               ? 
_entity_src_gen.host_org_details                   ? 
_entity_src_gen.expression_system_id               ? 
_entity_src_gen.plasmid_name                       ? 
_entity_src_gen.plasmid_details                    ? 
_entity_src_gen.pdbx_description                   ? 
# 
_pdbx_entity_src_syn.entity_id              1 
_pdbx_entity_src_syn.pdbx_src_id            1 
_pdbx_entity_src_syn.pdbx_alt_source_flag   sample 
_pdbx_entity_src_syn.pdbx_beg_seq_num       1 
_pdbx_entity_src_syn.pdbx_end_seq_num       3 
_pdbx_entity_src_syn.organism_scientific    'Oryza sativa' 
_pdbx_entity_src_syn.organism_common_name   ? 
_pdbx_entity_src_syn.ncbi_taxonomy_id       4530 
_pdbx_entity_src_syn.details                ? 
# 
loop_
_chem_comp.id 
_chem_comp.type 
_chem_comp.mon_nstd_flag 
_chem_comp.name 
_chem_comp.pdbx_synonyms 
_chem_comp.formula 
_chem_comp.formula_weight 
ALA 'L-peptide linking' y ALANINE         ? 'C3 H7 N O2'     89.093  
ARG 'L-peptide linking' y ARGININE        ? 'C6 H15 N4 O2 1' 175.209 
ASN 'L-peptide linking' y ASPARAGINE      ? 'C4 H8 N2 O3'    132.118 
ASP 'L-peptide linking' y 'ASPARTIC ACID' ? 'C4 H7 N O4'     133.103 
CYS 'L-peptide linking' y CYSTEINE        ? 'C3 H7 N O2 S'   121.158 
GLN 'L-peptide linking' y GLUTAMINE       ? 'C5 H10 N2 O3'   146.144 
GLU 'L-peptide linking' y 'GLUTAMIC ACID' ? 'C5 H9 N O4'     147.129 
GLY 'peptide linking'   y GLYCINE         ? 'C2 H5 N O2'     75.067  
HIS 'L-peptide linking' y HISTIDINE       ? 'C6 H10 N3 O2 1' 156.162 
HOH non-polymer         . WATER           ? 'H2 O'           18.015  
ILE 'L-peptide linking' y ISOLEUCINE      ? 'C6 H13 N O2'    131.173 
LEU 'L-peptide linking' y LEUCINE         ? 'C6 H13 N O2'    131.173 
LYS 'L-peptide linking' y LYSINE          ? 'C6 H15 N2 O2 1' 147.195 
MET 'L-peptide linking' y METHIONINE      ? 'C5 H11 N O2 S'  149.211 
PHE 'L-peptide linking' y PHENYLALANINE   ? 'C9 H11 N O2'    165.189 
PRO 'L-peptide linking' y PROLINE         ? 'C5 H9 N O2'     115.130 
SER 'L-peptide linking' y SERINE          ? 'C3 H7 N O3'     105.093 
THR 'L-peptide linking' y THREONINE       ? 'C4 H9 N O3'     119.119 
TRP 'L-peptide linking' y TRYPTOPHAN      ? 'C11 H12 N2 O2'  204.225 
TYR 'L-peptide linking' y TYROSINE        ? 'C9 H11 N O3'    181.189 
VAL 'L-peptide linking' y VALINE          ? 'C5 H11 N O2'    117.146 
ZN  non-polymer         . 'ZINC ION'      ? 'Zn 2'           65.409  
# 
loop_
_pdbx_poly_seq_scheme.asym_id 
_pdbx_poly_seq_scheme.entity_id 
_pdbx_poly_seq_scheme.seq_id 
_pdbx_poly_seq_scheme.mon_id 
_pdbx_poly_seq_scheme.ndb_seq_num 
_pdbx_poly_seq_scheme.pdb_seq_num 
_pdbx_poly_seq_scheme.auth_seq_num 
_pdbx_poly_seq_scheme.pdb_mon_id 
_pdbx_poly_seq_scheme.auth_mon_id 
_pdbx_poly_seq_scheme.pdb_strand_id 
_pdbx_poly_seq_scheme.pdb_ins_code 
_pdbx_poly_seq_scheme.hetero 
A 1 1  ARG 1  1   1   ARG ARG X . n 
A 1 2  ASP 2  2   2   ASP ASP X . n 
A 1 3  GLY 3  3   3   GLY GLY X . n 
B 2 1  ALA 1  120 120 ALA ALA A . n 
B 2 2  VAL 2  121 121 VAL VAL A . n 
B 2 3  CYS 3  122 122 CYS CYS A . n 
B 2 4  GLY 4  123 123 GLY GLY A . n 
B 2 5  SER 5  124 124 SER SER A . n 
B 2 6  VAL 6  125 125 VAL VAL A . n 
B 2 7  TRP 7  126 126 TRP TRP A . n 
B 2 8  GLY 8  127 127 GLY GLY A . n 
B 2 9  GLN 9  128 128 GLN GLN A . n 
B 2 10 ASN 10 129 129 ASN ASN A . n 
B 2 11 ASP 11 130 130 ASP ASP A . n 
B 2 12 LEU 12 131 131 LEU LEU A . n 
B 2 13 ALA 13 132 132 ALA ALA A . n 
B 2 14 TYR 14 133 133 TYR TYR A . n 
B 2 15 ARG 15 134 134 ARG ARG A . n 
B 2 16 CYS 16 135 135 CYS CYS A . n 
B 2 17 ARG 17 136 136 ARG ARG A . n 
B 2 18 THR 18 137 137 THR THR A . n 
B 2 19 CYS 19 138 138 CYS CYS A . n 
B 2 20 GLU 20 139 139 GLU GLU A . n 
B 2 21 HIS 21 140 140 HIS HIS A . n 
B 2 22 ASP 22 141 141 ASP ASP A . n 
B 2 23 PRO 23 142 142 PRO PRO A . n 
B 2 24 THR 24 143 143 THR THR A . n 
B 2 25 CYS 25 144 144 CYS CYS A . n 
B 2 26 ALA 26 145 145 ALA ALA A . n 
B 2 27 ILE 27 146 146 ILE ILE A . n 
B 2 28 CYS 28 147 147 CYS CYS A . n 
B 2 29 VAL 29 148 148 VAL VAL A . n 
B 2 30 PRO 30 149 149 PRO PRO A . n 
B 2 31 CYS 31 150 150 CYS CYS A . n 
B 2 32 PHE 32 151 151 PHE PHE A . n 
B 2 33 GLN 33 152 152 GLN GLN A . n 
B 2 34 ASN 34 153 153 ASN ASN A . n 
B 2 35 GLY 35 154 154 GLY GLY A . n 
B 2 36 ASN 36 155 155 ASN ASN A . n 
B 2 37 HIS 37 156 156 HIS HIS A . n 
B 2 38 LYS 38 157 157 LYS LYS A . n 
B 2 39 ASP 39 158 158 ASP ASP A . n 
B 2 40 HIS 40 159 159 HIS HIS A . n 
B 2 41 ASP 41 160 160 ASP ASP A . n 
B 2 42 TYR 42 161 161 TYR TYR A . n 
B 2 43 SER 43 162 162 SER SER A . n 
B 2 44 ILE 44 163 163 ILE ILE A . n 
B 2 45 MET 45 164 164 MET MET A . n 
B 2 46 TYR 46 165 165 TYR TYR A . n 
B 2 47 THR 47 166 166 THR THR A . n 
B 2 48 GLY 48 167 167 GLY GLY A . n 
B 2 49 GLY 49 168 168 GLY GLY A . n 
B 2 50 GLY 50 169 169 GLY GLY A . n 
B 2 51 CYS 51 170 170 CYS CYS A . n 
B 2 52 CYS 52 171 171 CYS CYS A . n 
B 2 53 ASP 53 172 172 ASP ASP A . n 
B 2 54 CYS 54 173 173 CYS CYS A . n 
B 2 55 GLY 55 174 174 GLY GLY A . n 
B 2 56 ASP 56 175 175 ASP ASP A . n 
B 2 57 THR 57 176 176 THR THR A . n 
B 2 58 THR 58 177 177 THR THR A . n 
B 2 59 ALA 59 178 178 ALA ALA A . n 
B 2 60 TRP 60 179 179 TRP TRP A . n 
B 2 61 LYS 61 180 180 LYS LYS A . n 
B 2 62 ARG 62 181 181 ARG ARG A . n 
B 2 63 GLU 63 182 182 GLU GLU A . n 
B 2 64 GLY 64 183 183 GLY GLY A . n 
B 2 65 PHE 65 184 184 PHE PHE A . n 
B 2 66 CYS 66 185 185 CYS CYS A . n 
B 2 67 SER 67 186 186 SER SER A . n 
B 2 68 ARG 68 187 187 ARG ARG A . n 
B 2 69 HIS 69 188 188 HIS HIS A . n 
B 2 70 LYS 70 189 189 LYS LYS A . n 
B 2 71 GLY 71 190 ?   ?   ?   A . n 
B 2 72 ALA 72 191 ?   ?   ?   A . n 
# 
loop_
_pdbx_nonpoly_scheme.asym_id 
_pdbx_nonpoly_scheme.entity_id 
_pdbx_nonpoly_scheme.mon_id 
_pdbx_nonpoly_scheme.ndb_seq_num 
_pdbx_nonpoly_scheme.pdb_seq_num 
_pdbx_nonpoly_scheme.auth_seq_num 
_pdbx_nonpoly_scheme.pdb_mon_id 
_pdbx_nonpoly_scheme.auth_mon_id 
_pdbx_nonpoly_scheme.pdb_strand_id 
_pdbx_nonpoly_scheme.pdb_ins_code 
C 3 ZN  1  201 1  ZN  ZN  A . 
D 3 ZN  1  202 2  ZN  ZN  A . 
E 3 ZN  1  203 3  ZN  ZN  A . 
F 4 HOH 1  301 24 HOH HOH A . 
F 4 HOH 2  302 37 HOH HOH A . 
F 4 HOH 3  303 39 HOH HOH A . 
F 4 HOH 4  304 19 HOH HOH A . 
F 4 HOH 5  305 18 HOH HOH A . 
F 4 HOH 6  306 42 HOH HOH A . 
F 4 HOH 7  307 3  HOH HOH A . 
F 4 HOH 8  308 22 HOH HOH A . 
F 4 HOH 9  309 31 HOH HOH A . 
F 4 HOH 10 310 34 HOH HOH A . 
F 4 HOH 11 311 35 HOH HOH A . 
F 4 HOH 12 312 11 HOH HOH A . 
F 4 HOH 13 313 26 HOH HOH A . 
F 4 HOH 14 314 12 HOH HOH A . 
F 4 HOH 15 315 1  HOH HOH A . 
F 4 HOH 16 316 43 HOH HOH A . 
F 4 HOH 17 317 4  HOH HOH A . 
F 4 HOH 18 318 25 HOH HOH A . 
F 4 HOH 19 319 5  HOH HOH A . 
F 4 HOH 20 320 13 HOH HOH A . 
F 4 HOH 21 321 14 HOH HOH A . 
F 4 HOH 22 322 9  HOH HOH A . 
F 4 HOH 23 323 2  HOH HOH A . 
F 4 HOH 24 324 23 HOH HOH A . 
F 4 HOH 25 325 7  HOH HOH A . 
F 4 HOH 26 326 6  HOH HOH A . 
F 4 HOH 27 327 17 HOH HOH A . 
F 4 HOH 28 328 10 HOH HOH A . 
F 4 HOH 29 329 8  HOH HOH A . 
F 4 HOH 30 330 40 HOH HOH A . 
F 4 HOH 31 331 28 HOH HOH A . 
F 4 HOH 32 332 16 HOH HOH A . 
F 4 HOH 33 333 30 HOH HOH A . 
F 4 HOH 34 334 20 HOH HOH A . 
F 4 HOH 35 335 36 HOH HOH A . 
F 4 HOH 36 336 15 HOH HOH A . 
F 4 HOH 37 337 38 HOH HOH A . 
F 4 HOH 38 338 33 HOH HOH A . 
F 4 HOH 39 339 21 HOH HOH A . 
F 4 HOH 40 340 44 HOH HOH A . 
F 4 HOH 41 341 27 HOH HOH A . 
# 
loop_
_software.citation_id 
_software.classification 
_software.compiler_name 
_software.compiler_version 
_software.contact_author 
_software.contact_author_email 
_software.date 
_software.description 
_software.dependencies 
_software.hardware 
_software.language 
_software.location 
_software.mods 
_software.name 
_software.os 
_software.os_version 
_software.type 
_software.version 
_software.pdbx_ordinal 
? 'data reduction'  ? ? ? ? ? ? ? ? ? ? ? HKL-2000    ? ? ? .           1 
? 'data scaling'    ? ? ? ? ? ? ? ? ? ? ? HKL-2000    ? ? ? .           2 
? refinement        ? ? ? ? ? ? ? ? ? ? ? PHENIX      ? ? ? 1.19.2_4158 3 
? 'data extraction' ? ? ? ? ? ? ? ? ? ? ? PDB_EXTRACT ? ? ? 3.27        4 
# 
_cell.angle_alpha                  90.000 
_cell.angle_alpha_esd              ? 
_cell.angle_beta                   90.000 
_cell.angle_beta_esd               ? 
_cell.angle_gamma                  120.000 
_cell.angle_gamma_esd              ? 
_cell.entry_id                     7WUM 
_cell.details                      ? 
_cell.formula_units_Z              ? 
_cell.length_a                     29.756 
_cell.length_a_esd                 ? 
_cell.length_b                     29.756 
_cell.length_b_esd                 ? 
_cell.length_c                     115.566 
_cell.length_c_esd                 ? 
_cell.volume                       ? 
_cell.volume_esd                   ? 
_cell.Z_PDB                        6 
_cell.reciprocal_angle_alpha       ? 
_cell.reciprocal_angle_beta        ? 
_cell.reciprocal_angle_gamma       ? 
_cell.reciprocal_angle_alpha_esd   ? 
_cell.reciprocal_angle_beta_esd    ? 
_cell.reciprocal_angle_gamma_esd   ? 
_cell.reciprocal_length_a          ? 
_cell.reciprocal_length_b          ? 
_cell.reciprocal_length_c          ? 
_cell.reciprocal_length_a_esd      ? 
_cell.reciprocal_length_b_esd      ? 
_cell.reciprocal_length_c_esd      ? 
_cell.pdbx_unique_axis             ? 
# 
_symmetry.entry_id                         7WUM 
_symmetry.cell_setting                     ? 
_symmetry.Int_Tables_number                154 
_symmetry.space_group_name_Hall            ? 
_symmetry.space_group_name_H-M             'P 32 2 1' 
_symmetry.pdbx_full_space_group_name_H-M   ? 
# 
_exptl.absorpt_coefficient_mu     ? 
_exptl.absorpt_correction_T_max   ? 
_exptl.absorpt_correction_T_min   ? 
_exptl.absorpt_correction_type    ? 
_exptl.absorpt_process_details    ? 
_exptl.entry_id                   7WUM 
_exptl.crystals_number            1 
_exptl.details                    ? 
_exptl.method                     'X-RAY DIFFRACTION' 
_exptl.method_details             ? 
# 
_exptl_crystal.colour                      ? 
_exptl_crystal.density_diffrn              ? 
_exptl_crystal.density_Matthews            1.79 
_exptl_crystal.density_method              ? 
_exptl_crystal.density_percent_sol         31.15 
_exptl_crystal.description                 ? 
_exptl_crystal.F_000                       ? 
_exptl_crystal.id                          1 
_exptl_crystal.preparation                 ? 
_exptl_crystal.size_max                    ? 
_exptl_crystal.size_mid                    ? 
_exptl_crystal.size_min                    ? 
_exptl_crystal.size_rad                    ? 
_exptl_crystal.colour_lustre               ? 
_exptl_crystal.colour_modifier             ? 
_exptl_crystal.colour_primary              ? 
_exptl_crystal.density_meas                ? 
_exptl_crystal.density_meas_esd            ? 
_exptl_crystal.density_meas_gt             ? 
_exptl_crystal.density_meas_lt             ? 
_exptl_crystal.density_meas_temp           ? 
_exptl_crystal.density_meas_temp_esd       ? 
_exptl_crystal.density_meas_temp_gt        ? 
_exptl_crystal.density_meas_temp_lt        ? 
_exptl_crystal.pdbx_crystal_image_url      ? 
_exptl_crystal.pdbx_crystal_image_format   ? 
_exptl_crystal.pdbx_mosaicity              ? 
_exptl_crystal.pdbx_mosaicity_esd          ? 
# 
_exptl_crystal_grow.apparatus       ? 
_exptl_crystal_grow.atmosphere      ? 
_exptl_crystal_grow.crystal_id      1 
_exptl_crystal_grow.details         ? 
_exptl_crystal_grow.method          'VAPOR DIFFUSION, SITTING DROP' 
_exptl_crystal_grow.method_ref      ? 
_exptl_crystal_grow.pH              7.0 
_exptl_crystal_grow.pressure        ? 
_exptl_crystal_grow.pressure_esd    ? 
_exptl_crystal_grow.seeding         ? 
_exptl_crystal_grow.seeding_ref     ? 
_exptl_crystal_grow.temp            291 
_exptl_crystal_grow.temp_details    ? 
_exptl_crystal_grow.temp_esd        ? 
_exptl_crystal_grow.time            ? 
_exptl_crystal_grow.pdbx_details    '1M sodium citrate, 200mM NaCl and 0.1M Tris' 
_exptl_crystal_grow.pdbx_pH_range   ? 
# 
_diffrn.ambient_environment              ? 
_diffrn.ambient_temp                     100 
_diffrn.ambient_temp_details             ? 
_diffrn.ambient_temp_esd                 ? 
_diffrn.crystal_id                       1 
_diffrn.crystal_support                  ? 
_diffrn.crystal_treatment                ? 
_diffrn.details                          ? 
_diffrn.id                               1 
_diffrn.ambient_pressure                 ? 
_diffrn.ambient_pressure_esd             ? 
_diffrn.ambient_pressure_gt              ? 
_diffrn.ambient_pressure_lt              ? 
_diffrn.ambient_temp_gt                  ? 
_diffrn.ambient_temp_lt                  ? 
_diffrn.pdbx_serial_crystal_experiment   N 
# 
_diffrn_detector.details                      ? 
_diffrn_detector.detector                     CCD 
_diffrn_detector.diffrn_id                    1 
_diffrn_detector.type                         'RAYONIX MX-300' 
_diffrn_detector.area_resol_mean              ? 
_diffrn_detector.dtime                        ? 
_diffrn_detector.pdbx_frames_total            ? 
_diffrn_detector.pdbx_collection_time_total   ? 
_diffrn_detector.pdbx_collection_date         2021-07-10 
_diffrn_detector.pdbx_frequency               ? 
# 
_diffrn_radiation.collimation                      ? 
_diffrn_radiation.diffrn_id                        1 
_diffrn_radiation.filter_edge                      ? 
_diffrn_radiation.inhomogeneity                    ? 
_diffrn_radiation.monochromator                    ? 
_diffrn_radiation.polarisn_norm                    ? 
_diffrn_radiation.polarisn_ratio                   ? 
_diffrn_radiation.probe                            ? 
_diffrn_radiation.type                             ? 
_diffrn_radiation.xray_symbol                      ? 
_diffrn_radiation.wavelength_id                    1 
_diffrn_radiation.pdbx_monochromatic_or_laue_m_l   M 
_diffrn_radiation.pdbx_wavelength_list             ? 
_diffrn_radiation.pdbx_wavelength                  ? 
_diffrn_radiation.pdbx_diffrn_protocol             'SINGLE WAVELENGTH' 
_diffrn_radiation.pdbx_analyzer                    ? 
_diffrn_radiation.pdbx_scattering_type             x-ray 
# 
_diffrn_radiation_wavelength.id           1 
_diffrn_radiation_wavelength.wavelength   1 
_diffrn_radiation_wavelength.wt           1.0 
# 
_diffrn_source.current                     ? 
_diffrn_source.details                     ? 
_diffrn_source.diffrn_id                   1 
_diffrn_source.power                       ? 
_diffrn_source.size                        ? 
_diffrn_source.source                      SYNCHROTRON 
_diffrn_source.target                      ? 
_diffrn_source.type                        'NSRRC BEAMLINE TPS 05A' 
_diffrn_source.voltage                     ? 
_diffrn_source.take-off_angle              ? 
_diffrn_source.pdbx_wavelength_list        1 
_diffrn_source.pdbx_wavelength             ? 
_diffrn_source.pdbx_synchrotron_beamline   'TPS 05A' 
_diffrn_source.pdbx_synchrotron_site       NSRRC 
# 
_reflns.B_iso_Wilson_estimate                          19.510 
_reflns.entry_id                                       7WUM 
_reflns.data_reduction_details                         ? 
_reflns.data_reduction_method                          ? 
_reflns.d_resolution_high                              1.58 
_reflns.d_resolution_low                               50.000 
_reflns.details                                        ? 
_reflns.limit_h_max                                    ? 
_reflns.limit_h_min                                    ? 
_reflns.limit_k_max                                    ? 
_reflns.limit_k_min                                    ? 
_reflns.limit_l_max                                    ? 
_reflns.limit_l_min                                    ? 
_reflns.number_all                                     ? 
_reflns.number_obs                                     8791 
_reflns.observed_criterion                             ? 
_reflns.observed_criterion_F_max                       ? 
_reflns.observed_criterion_F_min                       ? 
_reflns.observed_criterion_I_max                       ? 
_reflns.observed_criterion_I_min                       ? 
_reflns.observed_criterion_sigma_F                     ? 
_reflns.observed_criterion_sigma_I                     ? 
_reflns.percent_possible_obs                           98.200 
_reflns.R_free_details                                 ? 
_reflns.Rmerge_F_all                                   ? 
_reflns.Rmerge_F_obs                                   ? 
_reflns.Friedel_coverage                               ? 
_reflns.number_gt                                      ? 
_reflns.threshold_expression                           ? 
_reflns.pdbx_redundancy                                7.700 
_reflns.pdbx_Rmerge_I_obs                              0.075 
_reflns.pdbx_Rmerge_I_all                              ? 
_reflns.pdbx_Rsym_value                                ? 
_reflns.pdbx_netI_over_av_sigmaI                       ? 
_reflns.pdbx_netI_over_sigmaI                          8.400 
_reflns.pdbx_res_netI_over_av_sigmaI_2                 ? 
_reflns.pdbx_res_netI_over_sigmaI_2                    ? 
_reflns.pdbx_chi_squared                               1.635 
_reflns.pdbx_scaling_rejects                           ? 
_reflns.pdbx_d_res_high_opt                            ? 
_reflns.pdbx_d_res_low_opt                             ? 
_reflns.pdbx_d_res_opt_method                          ? 
_reflns.phase_calculation_details                      ? 
_reflns.pdbx_Rrim_I_all                                0.082 
_reflns.pdbx_Rpim_I_all                                0.031 
_reflns.pdbx_d_opt                                     ? 
_reflns.pdbx_number_measured_all                       ? 
_reflns.pdbx_diffrn_id                                 1 
_reflns.pdbx_ordinal                                   1 
_reflns.pdbx_CC_half                                   ? 
_reflns.pdbx_CC_star                                   ? 
_reflns.pdbx_R_split                                   ? 
_reflns.pdbx_aniso_diffraction_limit_axis_1_ortho[1]   ? 
_reflns.pdbx_aniso_diffraction_limit_axis_1_ortho[2]   ? 
_reflns.pdbx_aniso_diffraction_limit_axis_1_ortho[3]   ? 
_reflns.pdbx_aniso_diffraction_limit_axis_2_ortho[1]   ? 
_reflns.pdbx_aniso_diffraction_limit_axis_2_ortho[2]   ? 
_reflns.pdbx_aniso_diffraction_limit_axis_2_ortho[3]   ? 
_reflns.pdbx_aniso_diffraction_limit_axis_3_ortho[1]   ? 
_reflns.pdbx_aniso_diffraction_limit_axis_3_ortho[2]   ? 
_reflns.pdbx_aniso_diffraction_limit_axis_3_ortho[3]   ? 
_reflns.pdbx_aniso_diffraction_limit_1                 ? 
_reflns.pdbx_aniso_diffraction_limit_2                 ? 
_reflns.pdbx_aniso_diffraction_limit_3                 ? 
_reflns.pdbx_aniso_B_tensor_eigenvector_1_ortho[1]     ? 
_reflns.pdbx_aniso_B_tensor_eigenvector_1_ortho[2]     ? 
_reflns.pdbx_aniso_B_tensor_eigenvector_1_ortho[3]     ? 
_reflns.pdbx_aniso_B_tensor_eigenvector_2_ortho[1]     ? 
_reflns.pdbx_aniso_B_tensor_eigenvector_2_ortho[2]     ? 
_reflns.pdbx_aniso_B_tensor_eigenvector_2_ortho[3]     ? 
_reflns.pdbx_aniso_B_tensor_eigenvector_3_ortho[1]     ? 
_reflns.pdbx_aniso_B_tensor_eigenvector_3_ortho[2]     ? 
_reflns.pdbx_aniso_B_tensor_eigenvector_3_ortho[3]     ? 
_reflns.pdbx_aniso_B_tensor_eigenvalue_1               ? 
_reflns.pdbx_aniso_B_tensor_eigenvalue_2               ? 
_reflns.pdbx_aniso_B_tensor_eigenvalue_3               ? 
_reflns.pdbx_orthogonalization_convention              ? 
_reflns.pdbx_percent_possible_ellipsoidal              ? 
_reflns.pdbx_percent_possible_spherical                ? 
_reflns.pdbx_percent_possible_ellipsoidal_anomalous    ? 
_reflns.pdbx_percent_possible_spherical_anomalous      ? 
_reflns.pdbx_redundancy_anomalous                      ? 
_reflns.pdbx_CC_half_anomalous                         ? 
_reflns.pdbx_absDiff_over_sigma_anomalous              ? 
_reflns.pdbx_percent_possible_anomalous                ? 
_reflns.pdbx_observed_signal_threshold                 ? 
_reflns.pdbx_signal_type                               ? 
_reflns.pdbx_signal_details                            ? 
_reflns.pdbx_signal_software_id                        ? 
# 
loop_
_reflns_shell.d_res_high 
_reflns_shell.d_res_low 
_reflns_shell.meanI_over_sigI_all 
_reflns_shell.meanI_over_sigI_obs 
_reflns_shell.number_measured_all 
_reflns_shell.number_measured_obs 
_reflns_shell.number_possible 
_reflns_shell.number_unique_all 
_reflns_shell.number_unique_obs 
_reflns_shell.percent_possible_all 
_reflns_shell.percent_possible_obs 
_reflns_shell.Rmerge_F_all 
_reflns_shell.Rmerge_F_obs 
_reflns_shell.Rmerge_I_all 
_reflns_shell.Rmerge_I_obs 
_reflns_shell.meanI_over_sigI_gt 
_reflns_shell.meanI_over_uI_all 
_reflns_shell.meanI_over_uI_gt 
_reflns_shell.number_measured_gt 
_reflns_shell.number_unique_gt 
_reflns_shell.percent_possible_gt 
_reflns_shell.Rmerge_F_gt 
_reflns_shell.Rmerge_I_gt 
_reflns_shell.pdbx_redundancy 
_reflns_shell.pdbx_Rsym_value 
_reflns_shell.pdbx_chi_squared 
_reflns_shell.pdbx_netI_over_sigmaI_all 
_reflns_shell.pdbx_netI_over_sigmaI_obs 
_reflns_shell.pdbx_Rrim_I_all 
_reflns_shell.pdbx_Rpim_I_all 
_reflns_shell.pdbx_rejects 
_reflns_shell.pdbx_ordinal 
_reflns_shell.pdbx_diffrn_id 
_reflns_shell.pdbx_CC_half 
_reflns_shell.pdbx_CC_star 
_reflns_shell.pdbx_R_split 
_reflns_shell.pdbx_percent_possible_ellipsoidal 
_reflns_shell.pdbx_percent_possible_spherical 
_reflns_shell.pdbx_percent_possible_ellipsoidal_anomalous 
_reflns_shell.pdbx_percent_possible_spherical_anomalous 
_reflns_shell.pdbx_redundancy_anomalous 
_reflns_shell.pdbx_CC_half_anomalous 
_reflns_shell.pdbx_absDiff_over_sigma_anomalous 
_reflns_shell.pdbx_percent_possible_anomalous 
1.580 1.610  ? ? ? ? ? ? 292 69.700  ? ? ? ? 0.321 ? ? ? ? ? ? ? ? 3.800 ? 0.790 ? ? 0.361 0.158 ? 1  1 0.964 ? ? ? ? ? ? ? ? ? ? 
1.610 1.640  ? ? ? ? ? ? 434 98.200  ? ? ? ? 0.312 ? ? ? ? ? ? ? ? 4.300 ? 0.867 ? ? 0.346 0.143 ? 2  1 0.986 ? ? ? ? ? ? ? ? ? ? 
1.640 1.670  ? ? ? ? ? ? 440 100.000 ? ? ? ? 0.302 ? ? ? ? ? ? ? ? 5.200 ? 0.848 ? ? 0.332 0.134 ? 3  1 0.979 ? ? ? ? ? ? ? ? ? ? 
1.670 1.700  ? ? ? ? ? ? 411 100.000 ? ? ? ? 0.277 ? ? ? ? ? ? ? ? 6.300 ? 0.873 ? ? 0.302 0.118 ? 4  1 0.984 ? ? ? ? ? ? ? ? ? ? 
1.700 1.740  ? ? ? ? ? ? 465 100.000 ? ? ? ? 0.292 ? ? ? ? ? ? ? ? 7.100 ? 0.917 ? ? 0.315 0.116 ? 5  1 0.979 ? ? ? ? ? ? ? ? ? ? 
1.740 1.780  ? ? ? ? ? ? 414 99.800  ? ? ? ? 0.265 ? ? ? ? ? ? ? ? 8.400 ? 0.885 ? ? 0.283 0.099 ? 6  1 0.987 ? ? ? ? ? ? ? ? ? ? 
1.780 1.820  ? ? ? ? ? ? 425 100.000 ? ? ? ? 0.258 ? ? ? ? ? ? ? ? 8.700 ? 0.906 ? ? 0.276 0.095 ? 7  1 0.991 ? ? ? ? ? ? ? ? ? ? 
1.820 1.870  ? ? ? ? ? ? 470 99.800  ? ? ? ? 0.224 ? ? ? ? ? ? ? ? 9.100 ? 0.958 ? ? 0.239 0.081 ? 8  1 0.992 ? ? ? ? ? ? ? ? ? ? 
1.870 1.930  ? ? ? ? ? ? 420 100.000 ? ? ? ? 0.200 ? ? ? ? ? ? ? ? 9.300 ? 1.048 ? ? 0.213 0.071 ? 9  1 0.990 ? ? ? ? ? ? ? ? ? ? 
1.930 1.990  ? ? ? ? ? ? 441 99.500  ? ? ? ? 0.186 ? ? ? ? ? ? ? ? 9.200 ? 1.245 ? ? 0.198 0.067 ? 10 1 0.990 ? ? ? ? ? ? ? ? ? ? 
1.990 2.060  ? ? ? ? ? ? 424 100.000 ? ? ? ? 0.150 ? ? ? ? ? ? ? ? 9.000 ? 1.334 ? ? 0.160 0.055 ? 11 1 0.992 ? ? ? ? ? ? ? ? ? ? 
2.060 2.140  ? ? ? ? ? ? 460 100.000 ? ? ? ? 0.139 ? ? ? ? ? ? ? ? 9.100 ? 1.501 ? ? 0.148 0.051 ? 12 1 0.992 ? ? ? ? ? ? ? ? ? ? 
2.140 2.240  ? ? ? ? ? ? 423 99.800  ? ? ? ? 0.116 ? ? ? ? ? ? ? ? 8.800 ? 1.713 ? ? 0.124 0.043 ? 13 1 0.993 ? ? ? ? ? ? ? ? ? ? 
2.240 2.360  ? ? ? ? ? ? 463 100.000 ? ? ? ? 0.106 ? ? ? ? ? ? ? ? 8.700 ? 1.851 ? ? 0.114 0.040 ? 14 1 0.995 ? ? ? ? ? ? ? ? ? ? 
2.360 2.510  ? ? ? ? ? ? 443 99.600  ? ? ? ? 0.095 ? ? ? ? ? ? ? ? 9.000 ? 2.006 ? ? 0.101 0.036 ? 15 1 0.994 ? ? ? ? ? ? ? ? ? ? 
2.510 2.700  ? ? ? ? ? ? 454 99.800  ? ? ? ? 0.092 ? ? ? ? ? ? ? ? 8.600 ? 2.492 ? ? 0.099 0.035 ? 16 1 0.996 ? ? ? ? ? ? ? ? ? ? 
2.700 2.970  ? ? ? ? ? ? 454 99.600  ? ? ? ? 0.079 ? ? ? ? ? ? ? ? 8.200 ? 2.656 ? ? 0.085 0.030 ? 17 1 0.997 ? ? ? ? ? ? ? ? ? ? 
2.970 3.400  ? ? ? ? ? ? 457 100.000 ? ? ? ? 0.066 ? ? ? ? ? ? ? ? 7.500 ? 2.854 ? ? 0.072 0.027 ? 18 1 0.997 ? ? ? ? ? ? ? ? ? ? 
3.400 4.290  ? ? ? ? ? ? 484 99.600  ? ? ? ? 0.053 ? ? ? ? ? ? ? ? 6.600 ? 2.917 ? ? 0.058 0.023 ? 19 1 0.997 ? ? ? ? ? ? ? ? ? ? 
4.290 50.000 ? ? ? ? ? ? 517 97.500  ? ? ? ? 0.053 ? ? ? ? ? ? ? ? 6.000 ? 3.009 ? ? 0.058 0.024 ? 20 1 0.996 ? ? ? ? ? ? ? ? ? ? 
# 
_refine.aniso_B[1][1]                            ? 
_refine.aniso_B[1][2]                            ? 
_refine.aniso_B[1][3]                            ? 
_refine.aniso_B[2][2]                            ? 
_refine.aniso_B[2][3]                            ? 
_refine.aniso_B[3][3]                            ? 
_refine.B_iso_max                                62.560 
_refine.B_iso_mean                               28.4289 
_refine.B_iso_min                                14.860 
_refine.correlation_coeff_Fo_to_Fc               ? 
_refine.correlation_coeff_Fo_to_Fc_free          ? 
_refine.details                                  ? 
_refine.diff_density_max                         ? 
_refine.diff_density_max_esd                     ? 
_refine.diff_density_min                         ? 
_refine.diff_density_min_esd                     ? 
_refine.diff_density_rms                         ? 
_refine.diff_density_rms_esd                     ? 
_refine.entry_id                                 7WUM 
_refine.pdbx_refine_id                           'X-RAY DIFFRACTION' 
_refine.ls_abs_structure_details                 ? 
_refine.ls_abs_structure_Flack                   ? 
_refine.ls_abs_structure_Flack_esd               ? 
_refine.ls_abs_structure_Rogers                  ? 
_refine.ls_abs_structure_Rogers_esd              ? 
_refine.ls_d_res_high                            1.58 
_refine.ls_d_res_low                             25.7700 
_refine.ls_extinction_coef                       ? 
_refine.ls_extinction_coef_esd                   ? 
_refine.ls_extinction_expression                 ? 
_refine.ls_extinction_method                     ? 
_refine.ls_goodness_of_fit_all                   ? 
_refine.ls_goodness_of_fit_all_esd               ? 
_refine.ls_goodness_of_fit_obs                   ? 
_refine.ls_goodness_of_fit_obs_esd               ? 
_refine.ls_hydrogen_treatment                    ? 
_refine.ls_matrix_type                           ? 
_refine.ls_number_constraints                    ? 
_refine.ls_number_parameters                     ? 
_refine.ls_number_reflns_all                     ? 
_refine.ls_number_reflns_obs                     8723 
_refine.ls_number_reflns_R_free                  875 
_refine.ls_number_reflns_R_work                  7848 
_refine.ls_number_restraints                     ? 
_refine.ls_percent_reflns_obs                    98.4000 
_refine.ls_percent_reflns_R_free                 10.0300 
_refine.ls_R_factor_all                          ? 
_refine.ls_R_factor_obs                          0.1822 
_refine.ls_R_factor_R_free                       0.2105 
_refine.ls_R_factor_R_free_error                 ? 
_refine.ls_R_factor_R_free_error_details         ? 
_refine.ls_R_factor_R_work                       0.1789 
_refine.ls_R_Fsqd_factor_obs                     ? 
_refine.ls_R_I_factor_obs                        ? 
_refine.ls_redundancy_reflns_all                 ? 
_refine.ls_redundancy_reflns_obs                 ? 
_refine.ls_restrained_S_all                      ? 
_refine.ls_restrained_S_obs                      ? 
_refine.ls_shift_over_esd_max                    ? 
_refine.ls_shift_over_esd_mean                   ? 
_refine.ls_structure_factor_coef                 ? 
_refine.ls_weighting_details                     ? 
_refine.ls_weighting_scheme                      ? 
_refine.ls_wR_factor_all                         ? 
_refine.ls_wR_factor_obs                         ? 
_refine.ls_wR_factor_R_free                      ? 
_refine.ls_wR_factor_R_work                      ? 
_refine.occupancy_max                            ? 
_refine.occupancy_min                            ? 
_refine.solvent_model_details                    'FLAT BULK SOLVENT MODEL' 
_refine.solvent_model_param_bsol                 ? 
_refine.solvent_model_param_ksol                 ? 
_refine.pdbx_R_complete                          ? 
_refine.ls_R_factor_gt                           ? 
_refine.ls_goodness_of_fit_gt                    ? 
_refine.ls_goodness_of_fit_ref                   ? 
_refine.ls_shift_over_su_max                     ? 
_refine.ls_shift_over_su_max_lt                  ? 
_refine.ls_shift_over_su_mean                    ? 
_refine.ls_shift_over_su_mean_lt                 ? 
_refine.pdbx_ls_sigma_I                          ? 
_refine.pdbx_ls_sigma_F                          1.370 
_refine.pdbx_ls_sigma_Fsqd                       ? 
_refine.pdbx_data_cutoff_high_absF               ? 
_refine.pdbx_data_cutoff_high_rms_absF           ? 
_refine.pdbx_data_cutoff_low_absF                ? 
_refine.pdbx_isotropic_thermal_model             ? 
_refine.pdbx_ls_cross_valid_method               THROUGHOUT 
_refine.pdbx_method_to_determine_struct          'MOLECULAR REPLACEMENT' 
_refine.pdbx_starting_model                      D_1300027541 
_refine.pdbx_stereochemistry_target_values       ML 
_refine.pdbx_R_Free_selection_details            ? 
_refine.pdbx_stereochem_target_val_spec_case     ? 
_refine.pdbx_overall_ESU_R                       ? 
_refine.pdbx_overall_ESU_R_Free                  ? 
_refine.pdbx_solvent_vdw_probe_radii             1.1100 
_refine.pdbx_solvent_ion_probe_radii             ? 
_refine.pdbx_solvent_shrinkage_radii             0.9000 
_refine.pdbx_real_space_R                        ? 
_refine.pdbx_density_correlation                 ? 
_refine.pdbx_pd_number_of_powder_patterns        ? 
_refine.pdbx_pd_number_of_points                 ? 
_refine.pdbx_pd_meas_number_of_points            ? 
_refine.pdbx_pd_proc_ls_prof_R_factor            ? 
_refine.pdbx_pd_proc_ls_prof_wR_factor           ? 
_refine.pdbx_pd_Marquardt_correlation_coeff      ? 
_refine.pdbx_pd_Fsqrd_R_factor                   ? 
_refine.pdbx_pd_ls_matrix_band_width             ? 
_refine.pdbx_overall_phase_error                 29.3200 
_refine.pdbx_overall_SU_R_free_Cruickshank_DPI   ? 
_refine.pdbx_overall_SU_R_free_Blow_DPI          ? 
_refine.pdbx_overall_SU_R_Blow_DPI               ? 
_refine.pdbx_TLS_residual_ADP_flag               ? 
_refine.pdbx_diffrn_id                           1 
_refine.overall_SU_B                             ? 
_refine.overall_SU_ML                            0.1000 
_refine.overall_SU_R_Cruickshank_DPI             ? 
_refine.overall_SU_R_free                        ? 
_refine.overall_FOM_free_R_set                   ? 
_refine.overall_FOM_work_R_set                   ? 
_refine.pdbx_average_fsc_overall                 ? 
_refine.pdbx_average_fsc_work                    ? 
_refine.pdbx_average_fsc_free                    ? 
# 
_refine_hist.pdbx_refine_id                   'X-RAY DIFFRACTION' 
_refine_hist.cycle_id                         final 
_refine_hist.details                          ? 
_refine_hist.d_res_high                       1.58 
_refine_hist.d_res_low                        25.7700 
_refine_hist.number_atoms_solvent             41 
_refine_hist.number_atoms_total               604 
_refine_hist.number_reflns_all                ? 
_refine_hist.number_reflns_obs                ? 
_refine_hist.number_reflns_R_free             ? 
_refine_hist.number_reflns_R_work             ? 
_refine_hist.R_factor_all                     ? 
_refine_hist.R_factor_obs                     ? 
_refine_hist.R_factor_R_free                  ? 
_refine_hist.R_factor_R_work                  ? 
_refine_hist.pdbx_number_residues_total       73 
_refine_hist.pdbx_B_iso_mean_ligand           21.89 
_refine_hist.pdbx_B_iso_mean_solvent          35.67 
_refine_hist.pdbx_number_atoms_protein        560 
_refine_hist.pdbx_number_atoms_nucleic_acid   0 
_refine_hist.pdbx_number_atoms_ligand         3 
_refine_hist.pdbx_number_atoms_lipid          ? 
_refine_hist.pdbx_number_atoms_carb           ? 
_refine_hist.pdbx_pseudo_atom_details         ? 
# 
loop_
_refine_ls_shell.pdbx_refine_id 
_refine_ls_shell.d_res_high 
_refine_ls_shell.d_res_low 
_refine_ls_shell.number_reflns_all 
_refine_ls_shell.number_reflns_obs 
_refine_ls_shell.number_reflns_R_free 
_refine_ls_shell.number_reflns_R_work 
_refine_ls_shell.percent_reflns_obs 
_refine_ls_shell.percent_reflns_R_free 
_refine_ls_shell.R_factor_all 
_refine_ls_shell.R_factor_obs 
_refine_ls_shell.R_factor_R_free 
_refine_ls_shell.R_factor_R_free_error 
_refine_ls_shell.R_factor_R_work 
_refine_ls_shell.redundancy_reflns_all 
_refine_ls_shell.redundancy_reflns_obs 
_refine_ls_shell.wR_factor_all 
_refine_ls_shell.wR_factor_obs 
_refine_ls_shell.wR_factor_R_free 
_refine_ls_shell.wR_factor_R_work 
_refine_ls_shell.pdbx_R_complete 
_refine_ls_shell.pdbx_total_number_of_bins_used 
_refine_ls_shell.pdbx_phase_error 
_refine_ls_shell.pdbx_fsc_work 
_refine_ls_shell.pdbx_fsc_free 
'X-RAY DIFFRACTION' 1.58   1.6700  . . 133 1187 93.0000  . . . 0.2684 0.0000 0.2046 . . . . . . . . . . . 
'X-RAY DIFFRACTION' 1.6700 1.8000  . . 143 1277 99.0000  . . . 0.2354 0.0000 0.1554 . . . . . . . . . . . 
'X-RAY DIFFRACTION' 1.8000 1.9800  . . 145 1318 99.0000  . . . 0.2049 0.0000 0.2016 . . . . . . . . . . . 
'X-RAY DIFFRACTION' 1.9800 2.2700  . . 150 1294 100.0000 . . . 0.2073 0.0000 0.1818 . . . . . . . . . . . 
'X-RAY DIFFRACTION' 2.2700 2.8600  . . 146 1338 100.0000 . . . 0.2314 0.0000 0.1953 . . . . . . . . . . . 
'X-RAY DIFFRACTION' 2.8600 25.7700 . . 158 1434 99.0000  . . . 0.1967 0.0000 0.1684 . . . . . . . . . . . 
# 
_struct.entry_id                     7WUM 
_struct.title                        'Crystal structure of UBR box from PRT6 (RDG pH 8.5)' 
_struct.pdbx_model_details           ? 
_struct.pdbx_formula_weight          ? 
_struct.pdbx_formula_weight_method   ? 
_struct.pdbx_model_type_details      ? 
_struct.pdbx_CASP_flag               N 
# 
_struct_keywords.entry_id        7WUM 
_struct_keywords.text            'E3 ligase, PRT6 UBR box, LIGASE' 
_struct_keywords.pdbx_keywords   LIGASE 
# 
loop_
_struct_asym.id 
_struct_asym.pdbx_blank_PDB_chainid_flag 
_struct_asym.pdbx_modified 
_struct_asym.entity_id 
_struct_asym.details 
A N N 1 ? 
B N N 2 ? 
C N N 3 ? 
D N N 3 ? 
E N N 3 ? 
F N N 4 ? 
# 
loop_
_struct_ref.id 
_struct_ref.db_name 
_struct_ref.db_code 
_struct_ref.pdbx_db_accession 
_struct_ref.pdbx_db_isoform 
_struct_ref.entity_id 
_struct_ref.pdbx_seq_one_letter_code 
_struct_ref.pdbx_align_begin 
1 PDB 7WUM             7WUM       ? 1 ?                                                                        1   
2 UNP A0A0P0UY23_ORYSJ A0A0P0UY23 ? 2 AVCGSVWGQNDLAYRCRTCEHDPTCAICVPCFQNGNHKDHDYSIMYTGGGCCDCGDTTAWKREGFCSRHKGA 120 
# 
loop_
_struct_ref_seq.align_id 
_struct_ref_seq.ref_id 
_struct_ref_seq.pdbx_PDB_id_code 
_struct_ref_seq.pdbx_strand_id 
_struct_ref_seq.seq_align_beg 
_struct_ref_seq.pdbx_seq_align_beg_ins_code 
_struct_ref_seq.seq_align_end 
_struct_ref_seq.pdbx_seq_align_end_ins_code 
_struct_ref_seq.pdbx_db_accession 
_struct_ref_seq.db_align_beg 
_struct_ref_seq.pdbx_db_align_beg_ins_code 
_struct_ref_seq.db_align_end 
_struct_ref_seq.pdbx_db_align_end_ins_code 
_struct_ref_seq.pdbx_auth_seq_align_beg 
_struct_ref_seq.pdbx_auth_seq_align_end 
1 1 7WUM X 1 ? 3  ? 7WUM       1   ? 3   ? 1   3   
2 2 7WUM A 1 ? 72 ? A0A0P0UY23 120 ? 191 ? 120 191 
# 
_pdbx_struct_assembly.id                   1 
_pdbx_struct_assembly.details              author_and_software_defined_assembly 
_pdbx_struct_assembly.method_details       PISA 
_pdbx_struct_assembly.oligomeric_details   dimeric 
_pdbx_struct_assembly.oligomeric_count     2 
# 
loop_
_pdbx_struct_assembly_prop.biol_id 
_pdbx_struct_assembly_prop.type 
_pdbx_struct_assembly_prop.value 
_pdbx_struct_assembly_prop.details 
1 'ABSA (A^2)' 560  ? 
1 MORE         1    ? 
1 'SSA (A^2)'  4210 ? 
# 
_pdbx_struct_assembly_gen.assembly_id       1 
_pdbx_struct_assembly_gen.oper_expression   1 
_pdbx_struct_assembly_gen.asym_id_list      A,B,C,D,E,F 
# 
_pdbx_struct_assembly_auth_evidence.id                     1 
_pdbx_struct_assembly_auth_evidence.assembly_id            1 
_pdbx_struct_assembly_auth_evidence.experimental_support   'gel filtration' 
_pdbx_struct_assembly_auth_evidence.details                ? 
# 
_pdbx_struct_oper_list.id                   1 
_pdbx_struct_oper_list.type                 'identity operation' 
_pdbx_struct_oper_list.name                 1_555 
_pdbx_struct_oper_list.symmetry_operation   x,y,z 
_pdbx_struct_oper_list.matrix[1][1]         1.0000000000 
_pdbx_struct_oper_list.matrix[1][2]         0.0000000000 
_pdbx_struct_oper_list.matrix[1][3]         0.0000000000 
_pdbx_struct_oper_list.vector[1]            0.0000000000 
_pdbx_struct_oper_list.matrix[2][1]         0.0000000000 
_pdbx_struct_oper_list.matrix[2][2]         1.0000000000 
_pdbx_struct_oper_list.matrix[2][3]         0.0000000000 
_pdbx_struct_oper_list.vector[2]            0.0000000000 
_pdbx_struct_oper_list.matrix[3][1]         0.0000000000 
_pdbx_struct_oper_list.matrix[3][2]         0.0000000000 
_pdbx_struct_oper_list.matrix[3][3]         1.0000000000 
_pdbx_struct_oper_list.vector[3]            0.0000000000 
# 
loop_
_struct_conf.conf_type_id 
_struct_conf.id 
_struct_conf.pdbx_PDB_helix_id 
_struct_conf.beg_label_comp_id 
_struct_conf.beg_label_asym_id 
_struct_conf.beg_label_seq_id 
_struct_conf.pdbx_beg_PDB_ins_code 
_struct_conf.end_label_comp_id 
_struct_conf.end_label_asym_id 
_struct_conf.end_label_seq_id 
_struct_conf.pdbx_end_PDB_ins_code 
_struct_conf.beg_auth_comp_id 
_struct_conf.beg_auth_asym_id 
_struct_conf.beg_auth_seq_id 
_struct_conf.end_auth_comp_id 
_struct_conf.end_auth_asym_id 
_struct_conf.end_auth_seq_id 
_struct_conf.pdbx_PDB_helix_class 
_struct_conf.details 
_struct_conf.pdbx_PDB_helix_length 
HELX_P HELX_P1 AA1 CYS B 28 ? ASN B 34 ? CYS A 147 ASN A 153 1 ? 7 
HELX_P HELX_P2 AA2 LYS B 61 ? PHE B 65 ? LYS A 180 PHE A 184 5 ? 5 
# 
_struct_conf_type.id          HELX_P 
_struct_conf_type.criteria    ? 
_struct_conf_type.reference   ? 
# 
loop_
_struct_conn.id 
_struct_conn.conn_type_id 
_struct_conn.pdbx_leaving_atom_flag 
_struct_conn.pdbx_PDB_id 
_struct_conn.ptnr1_label_asym_id 
_struct_conn.ptnr1_label_comp_id 
_struct_conn.ptnr1_label_seq_id 
_struct_conn.ptnr1_label_atom_id 
_struct_conn.pdbx_ptnr1_label_alt_id 
_struct_conn.pdbx_ptnr1_PDB_ins_code 
_struct_conn.pdbx_ptnr1_standard_comp_id 
_struct_conn.ptnr1_symmetry 
_struct_conn.ptnr2_label_asym_id 
_struct_conn.ptnr2_label_comp_id 
_struct_conn.ptnr2_label_seq_id 
_struct_conn.ptnr2_label_atom_id 
_struct_conn.pdbx_ptnr2_label_alt_id 
_struct_conn.pdbx_ptnr2_PDB_ins_code 
_struct_conn.ptnr1_auth_asym_id 
_struct_conn.ptnr1_auth_comp_id 
_struct_conn.ptnr1_auth_seq_id 
_struct_conn.ptnr2_auth_asym_id 
_struct_conn.ptnr2_auth_comp_id 
_struct_conn.ptnr2_auth_seq_id 
_struct_conn.ptnr2_symmetry 
_struct_conn.pdbx_ptnr3_label_atom_id 
_struct_conn.pdbx_ptnr3_label_seq_id 
_struct_conn.pdbx_ptnr3_label_comp_id 
_struct_conn.pdbx_ptnr3_label_asym_id 
_struct_conn.pdbx_ptnr3_label_alt_id 
_struct_conn.pdbx_ptnr3_PDB_ins_code 
_struct_conn.details 
_struct_conn.pdbx_dist_value 
_struct_conn.pdbx_value_order 
_struct_conn.pdbx_role 
metalc1  metalc ? ? B CYS 3  SG  ? ? ? 1_555 D ZN . ZN ? ? A CYS 122 A ZN 202 1_555 ? ? ? ? ? ? ? 2.279 ? ? 
metalc2  metalc ? ? B CYS 16 SG  ? ? ? 1_555 E ZN . ZN ? ? A CYS 135 A ZN 203 1_555 ? ? ? ? ? ? ? 2.317 ? ? 
metalc3  metalc ? ? B CYS 19 SG  ? ? ? 1_555 E ZN . ZN ? ? A CYS 138 A ZN 203 1_555 ? ? ? ? ? ? ? 2.346 ? ? 
metalc4  metalc ? ? B CYS 28 SG  ? ? ? 1_555 D ZN . ZN ? ? A CYS 147 A ZN 202 1_555 ? ? ? ? ? ? ? 2.363 ? ? 
metalc5  metalc ? ? B CYS 31 SG  ? ? ? 1_555 C ZN . ZN ? ? A CYS 150 A ZN 201 1_555 ? ? ? ? ? ? ? 2.371 ? ? 
metalc6  metalc ? ? B CYS 31 SG  ? ? ? 1_555 D ZN . ZN ? ? A CYS 150 A ZN 202 1_555 ? ? ? ? ? ? ? 2.313 ? ? 
metalc7  metalc ? ? B HIS 37 ND1 ? ? ? 1_555 E ZN . ZN ? ? A HIS 156 A ZN 203 1_555 ? ? ? ? ? ? ? 2.110 ? ? 
metalc8  metalc ? ? B HIS 40 ND1 ? ? ? 1_555 E ZN . ZN ? ? A HIS 159 A ZN 203 1_555 ? ? ? ? ? ? ? 2.110 ? ? 
metalc9  metalc ? ? B CYS 52 SG  ? ? ? 1_555 D ZN . ZN ? ? A CYS 171 A ZN 202 1_555 ? ? ? ? ? ? ? 2.346 ? ? 
metalc10 metalc ? ? B CYS 54 SG  ? ? ? 1_555 C ZN . ZN ? ? A CYS 173 A ZN 201 1_555 ? ? ? ? ? ? ? 2.322 ? ? 
metalc11 metalc ? ? B CYS 66 SG  ? ? ? 1_555 C ZN . ZN ? ? A CYS 185 A ZN 201 1_555 ? ? ? ? ? ? ? 2.288 ? ? 
metalc12 metalc ? ? B HIS 69 ND1 ? ? ? 1_555 C ZN . ZN ? ? A HIS 188 A ZN 201 1_555 ? ? ? ? ? ? ? 2.013 ? ? 
# 
_struct_conn_type.id          metalc 
_struct_conn_type.criteria    ? 
_struct_conn_type.reference   ? 
# 
loop_
_pdbx_struct_conn_angle.id 
_pdbx_struct_conn_angle.ptnr1_label_atom_id 
_pdbx_struct_conn_angle.ptnr1_label_alt_id 
_pdbx_struct_conn_angle.ptnr1_label_asym_id 
_pdbx_struct_conn_angle.ptnr1_label_comp_id 
_pdbx_struct_conn_angle.ptnr1_label_seq_id 
_pdbx_struct_conn_angle.ptnr1_auth_atom_id 
_pdbx_struct_conn_angle.ptnr1_auth_asym_id 
_pdbx_struct_conn_angle.ptnr1_auth_comp_id 
_pdbx_struct_conn_angle.ptnr1_auth_seq_id 
_pdbx_struct_conn_angle.ptnr1_PDB_ins_code 
_pdbx_struct_conn_angle.ptnr1_symmetry 
_pdbx_struct_conn_angle.ptnr2_label_atom_id 
_pdbx_struct_conn_angle.ptnr2_label_alt_id 
_pdbx_struct_conn_angle.ptnr2_label_asym_id 
_pdbx_struct_conn_angle.ptnr2_label_comp_id 
_pdbx_struct_conn_angle.ptnr2_label_seq_id 
_pdbx_struct_conn_angle.ptnr2_auth_atom_id 
_pdbx_struct_conn_angle.ptnr2_auth_asym_id 
_pdbx_struct_conn_angle.ptnr2_auth_comp_id 
_pdbx_struct_conn_angle.ptnr2_auth_seq_id 
_pdbx_struct_conn_angle.ptnr2_PDB_ins_code 
_pdbx_struct_conn_angle.ptnr2_symmetry 
_pdbx_struct_conn_angle.ptnr3_label_atom_id 
_pdbx_struct_conn_angle.ptnr3_label_alt_id 
_pdbx_struct_conn_angle.ptnr3_label_asym_id 
_pdbx_struct_conn_angle.ptnr3_label_comp_id 
_pdbx_struct_conn_angle.ptnr3_label_seq_id 
_pdbx_struct_conn_angle.ptnr3_auth_atom_id 
_pdbx_struct_conn_angle.ptnr3_auth_asym_id 
_pdbx_struct_conn_angle.ptnr3_auth_comp_id 
_pdbx_struct_conn_angle.ptnr3_auth_seq_id 
_pdbx_struct_conn_angle.ptnr3_PDB_ins_code 
_pdbx_struct_conn_angle.ptnr3_symmetry 
_pdbx_struct_conn_angle.value 
_pdbx_struct_conn_angle.value_esd 
1  SG  ? B CYS 3  ? A CYS 122 ? 1_555 ZN ? D ZN . ? A ZN 202 ? 1_555 SG  ? B CYS 28 ? A CYS 147 ? 1_555 118.6 ? 
2  SG  ? B CYS 3  ? A CYS 122 ? 1_555 ZN ? D ZN . ? A ZN 202 ? 1_555 SG  ? B CYS 31 ? A CYS 150 ? 1_555 105.9 ? 
3  SG  ? B CYS 28 ? A CYS 147 ? 1_555 ZN ? D ZN . ? A ZN 202 ? 1_555 SG  ? B CYS 31 ? A CYS 150 ? 1_555 96.2  ? 
4  SG  ? B CYS 3  ? A CYS 122 ? 1_555 ZN ? D ZN . ? A ZN 202 ? 1_555 SG  ? B CYS 52 ? A CYS 171 ? 1_555 108.9 ? 
5  SG  ? B CYS 28 ? A CYS 147 ? 1_555 ZN ? D ZN . ? A ZN 202 ? 1_555 SG  ? B CYS 52 ? A CYS 171 ? 1_555 112.3 ? 
6  SG  ? B CYS 31 ? A CYS 150 ? 1_555 ZN ? D ZN . ? A ZN 202 ? 1_555 SG  ? B CYS 52 ? A CYS 171 ? 1_555 114.5 ? 
7  SG  ? B CYS 16 ? A CYS 135 ? 1_555 ZN ? E ZN . ? A ZN 203 ? 1_555 SG  ? B CYS 19 ? A CYS 138 ? 1_555 118.8 ? 
8  SG  ? B CYS 16 ? A CYS 135 ? 1_555 ZN ? E ZN . ? A ZN 203 ? 1_555 ND1 ? B HIS 37 ? A HIS 156 ? 1_555 116.8 ? 
9  SG  ? B CYS 19 ? A CYS 138 ? 1_555 ZN ? E ZN . ? A ZN 203 ? 1_555 ND1 ? B HIS 37 ? A HIS 156 ? 1_555 103.6 ? 
10 SG  ? B CYS 16 ? A CYS 135 ? 1_555 ZN ? E ZN . ? A ZN 203 ? 1_555 ND1 ? B HIS 40 ? A HIS 159 ? 1_555 109.8 ? 
11 SG  ? B CYS 19 ? A CYS 138 ? 1_555 ZN ? E ZN . ? A ZN 203 ? 1_555 ND1 ? B HIS 40 ? A HIS 159 ? 1_555 103.4 ? 
12 ND1 ? B HIS 37 ? A HIS 156 ? 1_555 ZN ? E ZN . ? A ZN 203 ? 1_555 ND1 ? B HIS 40 ? A HIS 159 ? 1_555 102.6 ? 
13 SG  ? B CYS 31 ? A CYS 150 ? 1_555 ZN ? C ZN . ? A ZN 201 ? 1_555 SG  ? B CYS 54 ? A CYS 173 ? 1_555 106.9 ? 
14 SG  ? B CYS 31 ? A CYS 150 ? 1_555 ZN ? C ZN . ? A ZN 201 ? 1_555 SG  ? B CYS 66 ? A CYS 185 ? 1_555 115.8 ? 
15 SG  ? B CYS 54 ? A CYS 173 ? 1_555 ZN ? C ZN . ? A ZN 201 ? 1_555 SG  ? B CYS 66 ? A CYS 185 ? 1_555 112.8 ? 
16 SG  ? B CYS 31 ? A CYS 150 ? 1_555 ZN ? C ZN . ? A ZN 201 ? 1_555 ND1 ? B HIS 69 ? A HIS 188 ? 1_555 106.2 ? 
17 SG  ? B CYS 54 ? A CYS 173 ? 1_555 ZN ? C ZN . ? A ZN 201 ? 1_555 ND1 ? B HIS 69 ? A HIS 188 ? 1_555 117.0 ? 
18 SG  ? B CYS 66 ? A CYS 185 ? 1_555 ZN ? C ZN . ? A ZN 201 ? 1_555 ND1 ? B HIS 69 ? A HIS 188 ? 1_555 98.2  ? 
# 
loop_
_struct_sheet.id 
_struct_sheet.type 
_struct_sheet.number_strands 
_struct_sheet.details 
AA1 ? 2 ? 
AA2 ? 2 ? 
# 
loop_
_struct_sheet_order.sheet_id 
_struct_sheet_order.range_id_1 
_struct_sheet_order.range_id_2 
_struct_sheet_order.offset 
_struct_sheet_order.sense 
AA1 1 2 ? anti-parallel 
AA2 1 2 ? anti-parallel 
# 
loop_
_struct_sheet_range.sheet_id 
_struct_sheet_range.id 
_struct_sheet_range.beg_label_comp_id 
_struct_sheet_range.beg_label_asym_id 
_struct_sheet_range.beg_label_seq_id 
_struct_sheet_range.pdbx_beg_PDB_ins_code 
_struct_sheet_range.end_label_comp_id 
_struct_sheet_range.end_label_asym_id 
_struct_sheet_range.end_label_seq_id 
_struct_sheet_range.pdbx_end_PDB_ins_code 
_struct_sheet_range.beg_auth_comp_id 
_struct_sheet_range.beg_auth_asym_id 
_struct_sheet_range.beg_auth_seq_id 
_struct_sheet_range.end_auth_comp_id 
_struct_sheet_range.end_auth_asym_id 
_struct_sheet_range.end_auth_seq_id 
AA1 1 VAL B 6  ? TRP B 7  ? VAL A 125 TRP A 126 
AA1 2 GLY B 50 ? CYS B 51 ? GLY A 169 CYS A 170 
AA2 1 ALA B 13 ? CYS B 16 ? ALA A 132 CYS A 135 
AA2 2 TYR B 42 ? MET B 45 ? TYR A 161 MET A 164 
# 
loop_
_pdbx_struct_sheet_hbond.sheet_id 
_pdbx_struct_sheet_hbond.range_id_1 
_pdbx_struct_sheet_hbond.range_id_2 
_pdbx_struct_sheet_hbond.range_1_label_atom_id 
_pdbx_struct_sheet_hbond.range_1_label_comp_id 
_pdbx_struct_sheet_hbond.range_1_label_asym_id 
_pdbx_struct_sheet_hbond.range_1_label_seq_id 
_pdbx_struct_sheet_hbond.range_1_PDB_ins_code 
_pdbx_struct_sheet_hbond.range_1_auth_atom_id 
_pdbx_struct_sheet_hbond.range_1_auth_comp_id 
_pdbx_struct_sheet_hbond.range_1_auth_asym_id 
_pdbx_struct_sheet_hbond.range_1_auth_seq_id 
_pdbx_struct_sheet_hbond.range_2_label_atom_id 
_pdbx_struct_sheet_hbond.range_2_label_comp_id 
_pdbx_struct_sheet_hbond.range_2_label_asym_id 
_pdbx_struct_sheet_hbond.range_2_label_seq_id 
_pdbx_struct_sheet_hbond.range_2_PDB_ins_code 
_pdbx_struct_sheet_hbond.range_2_auth_atom_id 
_pdbx_struct_sheet_hbond.range_2_auth_comp_id 
_pdbx_struct_sheet_hbond.range_2_auth_asym_id 
_pdbx_struct_sheet_hbond.range_2_auth_seq_id 
AA1 1 2 N TRP B 7  ? N TRP A 126 O GLY B 50 ? O GLY A 169 
AA2 1 2 N ALA B 13 ? N ALA A 132 O MET B 45 ? O MET A 164 
# 
_pdbx_entry_details.entry_id                 7WUM 
_pdbx_entry_details.has_ligand_of_interest   Y 
_pdbx_entry_details.compound_details         ? 
_pdbx_entry_details.source_details           ? 
_pdbx_entry_details.nonpolymer_details       ? 
_pdbx_entry_details.sequence_details         ? 
# 
loop_
_pdbx_unobs_or_zero_occ_residues.id 
_pdbx_unobs_or_zero_occ_residues.PDB_model_num 
_pdbx_unobs_or_zero_occ_residues.polymer_flag 
_pdbx_unobs_or_zero_occ_residues.occupancy_flag 
_pdbx_unobs_or_zero_occ_residues.auth_asym_id 
_pdbx_unobs_or_zero_occ_residues.auth_comp_id 
_pdbx_unobs_or_zero_occ_residues.auth_seq_id 
_pdbx_unobs_or_zero_occ_residues.PDB_ins_code 
_pdbx_unobs_or_zero_occ_residues.label_asym_id 
_pdbx_unobs_or_zero_occ_residues.label_comp_id 
_pdbx_unobs_or_zero_occ_residues.label_seq_id 
1 1 Y 1 A GLY 190 ? B GLY 71 
2 1 Y 1 A ALA 191 ? B ALA 72 
# 
loop_
_chem_comp_atom.comp_id 
_chem_comp_atom.atom_id 
_chem_comp_atom.type_symbol 
_chem_comp_atom.pdbx_aromatic_flag 
_chem_comp_atom.pdbx_stereo_config 
_chem_comp_atom.pdbx_ordinal 
ALA N    N  N N 1   
ALA CA   C  N S 2   
ALA C    C  N N 3   
ALA O    O  N N 4   
ALA CB   C  N N 5   
ALA OXT  O  N N 6   
ALA H    H  N N 7   
ALA H2   H  N N 8   
ALA HA   H  N N 9   
ALA HB1  H  N N 10  
ALA HB2  H  N N 11  
ALA HB3  H  N N 12  
ALA HXT  H  N N 13  
ARG N    N  N N 14  
ARG CA   C  N S 15  
ARG C    C  N N 16  
ARG O    O  N N 17  
ARG CB   C  N N 18  
ARG CG   C  N N 19  
ARG CD   C  N N 20  
ARG NE   N  N N 21  
ARG CZ   C  N N 22  
ARG NH1  N  N N 23  
ARG NH2  N  N N 24  
ARG OXT  O  N N 25  
ARG H    H  N N 26  
ARG H2   H  N N 27  
ARG HA   H  N N 28  
ARG HB2  H  N N 29  
ARG HB3  H  N N 30  
ARG HG2  H  N N 31  
ARG HG3  H  N N 32  
ARG HD2  H  N N 33  
ARG HD3  H  N N 34  
ARG HE   H  N N 35  
ARG HH11 H  N N 36  
ARG HH12 H  N N 37  
ARG HH21 H  N N 38  
ARG HH22 H  N N 39  
ARG HXT  H  N N 40  
ASN N    N  N N 41  
ASN CA   C  N S 42  
ASN C    C  N N 43  
ASN O    O  N N 44  
ASN CB   C  N N 45  
ASN CG   C  N N 46  
ASN OD1  O  N N 47  
ASN ND2  N  N N 48  
ASN OXT  O  N N 49  
ASN H    H  N N 50  
ASN H2   H  N N 51  
ASN HA   H  N N 52  
ASN HB2  H  N N 53  
ASN HB3  H  N N 54  
ASN HD21 H  N N 55  
ASN HD22 H  N N 56  
ASN HXT  H  N N 57  
ASP N    N  N N 58  
ASP CA   C  N S 59  
ASP C    C  N N 60  
ASP O    O  N N 61  
ASP CB   C  N N 62  
ASP CG   C  N N 63  
ASP OD1  O  N N 64  
ASP OD2  O  N N 65  
ASP OXT  O  N N 66  
ASP H    H  N N 67  
ASP H2   H  N N 68  
ASP HA   H  N N 69  
ASP HB2  H  N N 70  
ASP HB3  H  N N 71  
ASP HD2  H  N N 72  
ASP HXT  H  N N 73  
CYS N    N  N N 74  
CYS CA   C  N R 75  
CYS C    C  N N 76  
CYS O    O  N N 77  
CYS CB   C  N N 78  
CYS SG   S  N N 79  
CYS OXT  O  N N 80  
CYS H    H  N N 81  
CYS H2   H  N N 82  
CYS HA   H  N N 83  
CYS HB2  H  N N 84  
CYS HB3  H  N N 85  
CYS HG   H  N N 86  
CYS HXT  H  N N 87  
GLN N    N  N N 88  
GLN CA   C  N S 89  
GLN C    C  N N 90  
GLN O    O  N N 91  
GLN CB   C  N N 92  
GLN CG   C  N N 93  
GLN CD   C  N N 94  
GLN OE1  O  N N 95  
GLN NE2  N  N N 96  
GLN OXT  O  N N 97  
GLN H    H  N N 98  
GLN H2   H  N N 99  
GLN HA   H  N N 100 
GLN HB2  H  N N 101 
GLN HB3  H  N N 102 
GLN HG2  H  N N 103 
GLN HG3  H  N N 104 
GLN HE21 H  N N 105 
GLN HE22 H  N N 106 
GLN HXT  H  N N 107 
GLU N    N  N N 108 
GLU CA   C  N S 109 
GLU C    C  N N 110 
GLU O    O  N N 111 
GLU CB   C  N N 112 
GLU CG   C  N N 113 
GLU CD   C  N N 114 
GLU OE1  O  N N 115 
GLU OE2  O  N N 116 
GLU OXT  O  N N 117 
GLU H    H  N N 118 
GLU H2   H  N N 119 
GLU HA   H  N N 120 
GLU HB2  H  N N 121 
GLU HB3  H  N N 122 
GLU HG2  H  N N 123 
GLU HG3  H  N N 124 
GLU HE2  H  N N 125 
GLU HXT  H  N N 126 
GLY N    N  N N 127 
GLY CA   C  N N 128 
GLY C    C  N N 129 
GLY O    O  N N 130 
GLY OXT  O  N N 131 
GLY H    H  N N 132 
GLY H2   H  N N 133 
GLY HA2  H  N N 134 
GLY HA3  H  N N 135 
GLY HXT  H  N N 136 
HIS N    N  N N 137 
HIS CA   C  N S 138 
HIS C    C  N N 139 
HIS O    O  N N 140 
HIS CB   C  N N 141 
HIS CG   C  Y N 142 
HIS ND1  N  Y N 143 
HIS CD2  C  Y N 144 
HIS CE1  C  Y N 145 
HIS NE2  N  Y N 146 
HIS OXT  O  N N 147 
HIS H    H  N N 148 
HIS H2   H  N N 149 
HIS HA   H  N N 150 
HIS HB2  H  N N 151 
HIS HB3  H  N N 152 
HIS HD1  H  N N 153 
HIS HD2  H  N N 154 
HIS HE1  H  N N 155 
HIS HE2  H  N N 156 
HIS HXT  H  N N 157 
HOH O    O  N N 158 
HOH H1   H  N N 159 
HOH H2   H  N N 160 
ILE N    N  N N 161 
ILE CA   C  N S 162 
ILE C    C  N N 163 
ILE O    O  N N 164 
ILE CB   C  N S 165 
ILE CG1  C  N N 166 
ILE CG2  C  N N 167 
ILE CD1  C  N N 168 
ILE OXT  O  N N 169 
ILE H    H  N N 170 
ILE H2   H  N N 171 
ILE HA   H  N N 172 
ILE HB   H  N N 173 
ILE HG12 H  N N 174 
ILE HG13 H  N N 175 
ILE HG21 H  N N 176 
ILE HG22 H  N N 177 
ILE HG23 H  N N 178 
ILE HD11 H  N N 179 
ILE HD12 H  N N 180 
ILE HD13 H  N N 181 
ILE HXT  H  N N 182 
LEU N    N  N N 183 
LEU CA   C  N S 184 
LEU C    C  N N 185 
LEU O    O  N N 186 
LEU CB   C  N N 187 
LEU CG   C  N N 188 
LEU CD1  C  N N 189 
LEU CD2  C  N N 190 
LEU OXT  O  N N 191 
LEU H    H  N N 192 
LEU H2   H  N N 193 
LEU HA   H  N N 194 
LEU HB2  H  N N 195 
LEU HB3  H  N N 196 
LEU HG   H  N N 197 
LEU HD11 H  N N 198 
LEU HD12 H  N N 199 
LEU HD13 H  N N 200 
LEU HD21 H  N N 201 
LEU HD22 H  N N 202 
LEU HD23 H  N N 203 
LEU HXT  H  N N 204 
LYS N    N  N N 205 
LYS CA   C  N S 206 
LYS C    C  N N 207 
LYS O    O  N N 208 
LYS CB   C  N N 209 
LYS CG   C  N N 210 
LYS CD   C  N N 211 
LYS CE   C  N N 212 
LYS NZ   N  N N 213 
LYS OXT  O  N N 214 
LYS H    H  N N 215 
LYS H2   H  N N 216 
LYS HA   H  N N 217 
LYS HB2  H  N N 218 
LYS HB3  H  N N 219 
LYS HG2  H  N N 220 
LYS HG3  H  N N 221 
LYS HD2  H  N N 222 
LYS HD3  H  N N 223 
LYS HE2  H  N N 224 
LYS HE3  H  N N 225 
LYS HZ1  H  N N 226 
LYS HZ2  H  N N 227 
LYS HZ3  H  N N 228 
LYS HXT  H  N N 229 
MET N    N  N N 230 
MET CA   C  N S 231 
MET C    C  N N 232 
MET O    O  N N 233 
MET CB   C  N N 234 
MET CG   C  N N 235 
MET SD   S  N N 236 
MET CE   C  N N 237 
MET OXT  O  N N 238 
MET H    H  N N 239 
MET H2   H  N N 240 
MET HA   H  N N 241 
MET HB2  H  N N 242 
MET HB3  H  N N 243 
MET HG2  H  N N 244 
MET HG3  H  N N 245 
MET HE1  H  N N 246 
MET HE2  H  N N 247 
MET HE3  H  N N 248 
MET HXT  H  N N 249 
PHE N    N  N N 250 
PHE CA   C  N S 251 
PHE C    C  N N 252 
PHE O    O  N N 253 
PHE CB   C  N N 254 
PHE CG   C  Y N 255 
PHE CD1  C  Y N 256 
PHE CD2  C  Y N 257 
PHE CE1  C  Y N 258 
PHE CE2  C  Y N 259 
PHE CZ   C  Y N 260 
PHE OXT  O  N N 261 
PHE H    H  N N 262 
PHE H2   H  N N 263 
PHE HA   H  N N 264 
PHE HB2  H  N N 265 
PHE HB3  H  N N 266 
PHE HD1  H  N N 267 
PHE HD2  H  N N 268 
PHE HE1  H  N N 269 
PHE HE2  H  N N 270 
PHE HZ   H  N N 271 
PHE HXT  H  N N 272 
PRO N    N  N N 273 
PRO CA   C  N S 274 
PRO C    C  N N 275 
PRO O    O  N N 276 
PRO CB   C  N N 277 
PRO CG   C  N N 278 
PRO CD   C  N N 279 
PRO OXT  O  N N 280 
PRO H    H  N N 281 
PRO HA   H  N N 282 
PRO HB2  H  N N 283 
PRO HB3  H  N N 284 
PRO HG2  H  N N 285 
PRO HG3  H  N N 286 
PRO HD2  H  N N 287 
PRO HD3  H  N N 288 
PRO HXT  H  N N 289 
SER N    N  N N 290 
SER CA   C  N S 291 
SER C    C  N N 292 
SER O    O  N N 293 
SER CB   C  N N 294 
SER OG   O  N N 295 
SER OXT  O  N N 296 
SER H    H  N N 297 
SER H2   H  N N 298 
SER HA   H  N N 299 
SER HB2  H  N N 300 
SER HB3  H  N N 301 
SER HG   H  N N 302 
SER HXT  H  N N 303 
THR N    N  N N 304 
THR CA   C  N S 305 
THR C    C  N N 306 
THR O    O  N N 307 
THR CB   C  N R 308 
THR OG1  O  N N 309 
THR CG2  C  N N 310 
THR OXT  O  N N 311 
THR H    H  N N 312 
THR H2   H  N N 313 
THR HA   H  N N 314 
THR HB   H  N N 315 
THR HG1  H  N N 316 
THR HG21 H  N N 317 
THR HG22 H  N N 318 
THR HG23 H  N N 319 
THR HXT  H  N N 320 
TRP N    N  N N 321 
TRP CA   C  N S 322 
TRP C    C  N N 323 
TRP O    O  N N 324 
TRP CB   C  N N 325 
TRP CG   C  Y N 326 
TRP CD1  C  Y N 327 
TRP CD2  C  Y N 328 
TRP NE1  N  Y N 329 
TRP CE2  C  Y N 330 
TRP CE3  C  Y N 331 
TRP CZ2  C  Y N 332 
TRP CZ3  C  Y N 333 
TRP CH2  C  Y N 334 
TRP OXT  O  N N 335 
TRP H    H  N N 336 
TRP H2   H  N N 337 
TRP HA   H  N N 338 
TRP HB2  H  N N 339 
TRP HB3  H  N N 340 
TRP HD1  H  N N 341 
TRP HE1  H  N N 342 
TRP HE3  H  N N 343 
TRP HZ2  H  N N 344 
TRP HZ3  H  N N 345 
TRP HH2  H  N N 346 
TRP HXT  H  N N 347 
TYR N    N  N N 348 
TYR CA   C  N S 349 
TYR C    C  N N 350 
TYR O    O  N N 351 
TYR CB   C  N N 352 
TYR CG   C  Y N 353 
TYR CD1  C  Y N 354 
TYR CD2  C  Y N 355 
TYR CE1  C  Y N 356 
TYR CE2  C  Y N 357 
TYR CZ   C  Y N 358 
TYR OH   O  N N 359 
TYR OXT  O  N N 360 
TYR H    H  N N 361 
TYR H2   H  N N 362 
TYR HA   H  N N 363 
TYR HB2  H  N N 364 
TYR HB3  H  N N 365 
TYR HD1  H  N N 366 
TYR HD2  H  N N 367 
TYR HE1  H  N N 368 
TYR HE2  H  N N 369 
TYR HH   H  N N 370 
TYR HXT  H  N N 371 
VAL N    N  N N 372 
VAL CA   C  N S 373 
VAL C    C  N N 374 
VAL O    O  N N 375 
VAL CB   C  N N 376 
VAL CG1  C  N N 377 
VAL CG2  C  N N 378 
VAL OXT  O  N N 379 
VAL H    H  N N 380 
VAL H2   H  N N 381 
VAL HA   H  N N 382 
VAL HB   H  N N 383 
VAL HG11 H  N N 384 
VAL HG12 H  N N 385 
VAL HG13 H  N N 386 
VAL HG21 H  N N 387 
VAL HG22 H  N N 388 
VAL HG23 H  N N 389 
VAL HXT  H  N N 390 
ZN  ZN   ZN N N 391 
# 
loop_
_chem_comp_bond.comp_id 
_chem_comp_bond.atom_id_1 
_chem_comp_bond.atom_id_2 
_chem_comp_bond.value_order 
_chem_comp_bond.pdbx_aromatic_flag 
_chem_comp_bond.pdbx_stereo_config 
_chem_comp_bond.pdbx_ordinal 
ALA N   CA   sing N N 1   
ALA N   H    sing N N 2   
ALA N   H2   sing N N 3   
ALA CA  C    sing N N 4   
ALA CA  CB   sing N N 5   
ALA CA  HA   sing N N 6   
ALA C   O    doub N N 7   
ALA C   OXT  sing N N 8   
ALA CB  HB1  sing N N 9   
ALA CB  HB2  sing N N 10  
ALA CB  HB3  sing N N 11  
ALA OXT HXT  sing N N 12  
ARG N   CA   sing N N 13  
ARG N   H    sing N N 14  
ARG N   H2   sing N N 15  
ARG CA  C    sing N N 16  
ARG CA  CB   sing N N 17  
ARG CA  HA   sing N N 18  
ARG C   O    doub N N 19  
ARG C   OXT  sing N N 20  
ARG CB  CG   sing N N 21  
ARG CB  HB2  sing N N 22  
ARG CB  HB3  sing N N 23  
ARG CG  CD   sing N N 24  
ARG CG  HG2  sing N N 25  
ARG CG  HG3  sing N N 26  
ARG CD  NE   sing N N 27  
ARG CD  HD2  sing N N 28  
ARG CD  HD3  sing N N 29  
ARG NE  CZ   sing N N 30  
ARG NE  HE   sing N N 31  
ARG CZ  NH1  sing N N 32  
ARG CZ  NH2  doub N N 33  
ARG NH1 HH11 sing N N 34  
ARG NH1 HH12 sing N N 35  
ARG NH2 HH21 sing N N 36  
ARG NH2 HH22 sing N N 37  
ARG OXT HXT  sing N N 38  
ASN N   CA   sing N N 39  
ASN N   H    sing N N 40  
ASN N   H2   sing N N 41  
ASN CA  C    sing N N 42  
ASN CA  CB   sing N N 43  
ASN CA  HA   sing N N 44  
ASN C   O    doub N N 45  
ASN C   OXT  sing N N 46  
ASN CB  CG   sing N N 47  
ASN CB  HB2  sing N N 48  
ASN CB  HB3  sing N N 49  
ASN CG  OD1  doub N N 50  
ASN CG  ND2  sing N N 51  
ASN ND2 HD21 sing N N 52  
ASN ND2 HD22 sing N N 53  
ASN OXT HXT  sing N N 54  
ASP N   CA   sing N N 55  
ASP N   H    sing N N 56  
ASP N   H2   sing N N 57  
ASP CA  C    sing N N 58  
ASP CA  CB   sing N N 59  
ASP CA  HA   sing N N 60  
ASP C   O    doub N N 61  
ASP C   OXT  sing N N 62  
ASP CB  CG   sing N N 63  
ASP CB  HB2  sing N N 64  
ASP CB  HB3  sing N N 65  
ASP CG  OD1  doub N N 66  
ASP CG  OD2  sing N N 67  
ASP OD2 HD2  sing N N 68  
ASP OXT HXT  sing N N 69  
CYS N   CA   sing N N 70  
CYS N   H    sing N N 71  
CYS N   H2   sing N N 72  
CYS CA  C    sing N N 73  
CYS CA  CB   sing N N 74  
CYS CA  HA   sing N N 75  
CYS C   O    doub N N 76  
CYS C   OXT  sing N N 77  
CYS CB  SG   sing N N 78  
CYS CB  HB2  sing N N 79  
CYS CB  HB3  sing N N 80  
CYS SG  HG   sing N N 81  
CYS OXT HXT  sing N N 82  
GLN N   CA   sing N N 83  
GLN N   H    sing N N 84  
GLN N   H2   sing N N 85  
GLN CA  C    sing N N 86  
GLN CA  CB   sing N N 87  
GLN CA  HA   sing N N 88  
GLN C   O    doub N N 89  
GLN C   OXT  sing N N 90  
GLN CB  CG   sing N N 91  
GLN CB  HB2  sing N N 92  
GLN CB  HB3  sing N N 93  
GLN CG  CD   sing N N 94  
GLN CG  HG2  sing N N 95  
GLN CG  HG3  sing N N 96  
GLN CD  OE1  doub N N 97  
GLN CD  NE2  sing N N 98  
GLN NE2 HE21 sing N N 99  
GLN NE2 HE22 sing N N 100 
GLN OXT HXT  sing N N 101 
GLU N   CA   sing N N 102 
GLU N   H    sing N N 103 
GLU N   H2   sing N N 104 
GLU CA  C    sing N N 105 
GLU CA  CB   sing N N 106 
GLU CA  HA   sing N N 107 
GLU C   O    doub N N 108 
GLU C   OXT  sing N N 109 
GLU CB  CG   sing N N 110 
GLU CB  HB2  sing N N 111 
GLU CB  HB3  sing N N 112 
GLU CG  CD   sing N N 113 
GLU CG  HG2  sing N N 114 
GLU CG  HG3  sing N N 115 
GLU CD  OE1  doub N N 116 
GLU CD  OE2  sing N N 117 
GLU OE2 HE2  sing N N 118 
GLU OXT HXT  sing N N 119 
GLY N   CA   sing N N 120 
GLY N   H    sing N N 121 
GLY N   H2   sing N N 122 
GLY CA  C    sing N N 123 
GLY CA  HA2  sing N N 124 
GLY CA  HA3  sing N N 125 
GLY C   O    doub N N 126 
GLY C   OXT  sing N N 127 
GLY OXT HXT  sing N N 128 
HIS N   CA   sing N N 129 
HIS N   H    sing N N 130 
HIS N   H2   sing N N 131 
HIS CA  C    sing N N 132 
HIS CA  CB   sing N N 133 
HIS CA  HA   sing N N 134 
HIS C   O    doub N N 135 
HIS C   OXT  sing N N 136 
HIS CB  CG   sing N N 137 
HIS CB  HB2  sing N N 138 
HIS CB  HB3  sing N N 139 
HIS CG  ND1  sing Y N 140 
HIS CG  CD2  doub Y N 141 
HIS ND1 CE1  doub Y N 142 
HIS ND1 HD1  sing N N 143 
HIS CD2 NE2  sing Y N 144 
HIS CD2 HD2  sing N N 145 
HIS CE1 NE2  sing Y N 146 
HIS CE1 HE1  sing N N 147 
HIS NE2 HE2  sing N N 148 
HIS OXT HXT  sing N N 149 
HOH O   H1   sing N N 150 
HOH O   H2   sing N N 151 
ILE N   CA   sing N N 152 
ILE N   H    sing N N 153 
ILE N   H2   sing N N 154 
ILE CA  C    sing N N 155 
ILE CA  CB   sing N N 156 
ILE CA  HA   sing N N 157 
ILE C   O    doub N N 158 
ILE C   OXT  sing N N 159 
ILE CB  CG1  sing N N 160 
ILE CB  CG2  sing N N 161 
ILE CB  HB   sing N N 162 
ILE CG1 CD1  sing N N 163 
ILE CG1 HG12 sing N N 164 
ILE CG1 HG13 sing N N 165 
ILE CG2 HG21 sing N N 166 
ILE CG2 HG22 sing N N 167 
ILE CG2 HG23 sing N N 168 
ILE CD1 HD11 sing N N 169 
ILE CD1 HD12 sing N N 170 
ILE CD1 HD13 sing N N 171 
ILE OXT HXT  sing N N 172 
LEU N   CA   sing N N 173 
LEU N   H    sing N N 174 
LEU N   H2   sing N N 175 
LEU CA  C    sing N N 176 
LEU CA  CB   sing N N 177 
LEU CA  HA   sing N N 178 
LEU C   O    doub N N 179 
LEU C   OXT  sing N N 180 
LEU CB  CG   sing N N 181 
LEU CB  HB2  sing N N 182 
LEU CB  HB3  sing N N 183 
LEU CG  CD1  sing N N 184 
LEU CG  CD2  sing N N 185 
LEU CG  HG   sing N N 186 
LEU CD1 HD11 sing N N 187 
LEU CD1 HD12 sing N N 188 
LEU CD1 HD13 sing N N 189 
LEU CD2 HD21 sing N N 190 
LEU CD2 HD22 sing N N 191 
LEU CD2 HD23 sing N N 192 
LEU OXT HXT  sing N N 193 
LYS N   CA   sing N N 194 
LYS N   H    sing N N 195 
LYS N   H2   sing N N 196 
LYS CA  C    sing N N 197 
LYS CA  CB   sing N N 198 
LYS CA  HA   sing N N 199 
LYS C   O    doub N N 200 
LYS C   OXT  sing N N 201 
LYS CB  CG   sing N N 202 
LYS CB  HB2  sing N N 203 
LYS CB  HB3  sing N N 204 
LYS CG  CD   sing N N 205 
LYS CG  HG2  sing N N 206 
LYS CG  HG3  sing N N 207 
LYS CD  CE   sing N N 208 
LYS CD  HD2  sing N N 209 
LYS CD  HD3  sing N N 210 
LYS CE  NZ   sing N N 211 
LYS CE  HE2  sing N N 212 
LYS CE  HE3  sing N N 213 
LYS NZ  HZ1  sing N N 214 
LYS NZ  HZ2  sing N N 215 
LYS NZ  HZ3  sing N N 216 
LYS OXT HXT  sing N N 217 
MET N   CA   sing N N 218 
MET N   H    sing N N 219 
MET N   H2   sing N N 220 
MET CA  C    sing N N 221 
MET CA  CB   sing N N 222 
MET CA  HA   sing N N 223 
MET C   O    doub N N 224 
MET C   OXT  sing N N 225 
MET CB  CG   sing N N 226 
MET CB  HB2  sing N N 227 
MET CB  HB3  sing N N 228 
MET CG  SD   sing N N 229 
MET CG  HG2  sing N N 230 
MET CG  HG3  sing N N 231 
MET SD  CE   sing N N 232 
MET CE  HE1  sing N N 233 
MET CE  HE2  sing N N 234 
MET CE  HE3  sing N N 235 
MET OXT HXT  sing N N 236 
PHE N   CA   sing N N 237 
PHE N   H    sing N N 238 
PHE N   H2   sing N N 239 
PHE CA  C    sing N N 240 
PHE CA  CB   sing N N 241 
PHE CA  HA   sing N N 242 
PHE C   O    doub N N 243 
PHE C   OXT  sing N N 244 
PHE CB  CG   sing N N 245 
PHE CB  HB2  sing N N 246 
PHE CB  HB3  sing N N 247 
PHE CG  CD1  doub Y N 248 
PHE CG  CD2  sing Y N 249 
PHE CD1 CE1  sing Y N 250 
PHE CD1 HD1  sing N N 251 
PHE CD2 CE2  doub Y N 252 
PHE CD2 HD2  sing N N 253 
PHE CE1 CZ   doub Y N 254 
PHE CE1 HE1  sing N N 255 
PHE CE2 CZ   sing Y N 256 
PHE CE2 HE2  sing N N 257 
PHE CZ  HZ   sing N N 258 
PHE OXT HXT  sing N N 259 
PRO N   CA   sing N N 260 
PRO N   CD   sing N N 261 
PRO N   H    sing N N 262 
PRO CA  C    sing N N 263 
PRO CA  CB   sing N N 264 
PRO CA  HA   sing N N 265 
PRO C   O    doub N N 266 
PRO C   OXT  sing N N 267 
PRO CB  CG   sing N N 268 
PRO CB  HB2  sing N N 269 
PRO CB  HB3  sing N N 270 
PRO CG  CD   sing N N 271 
PRO CG  HG2  sing N N 272 
PRO CG  HG3  sing N N 273 
PRO CD  HD2  sing N N 274 
PRO CD  HD3  sing N N 275 
PRO OXT HXT  sing N N 276 
SER N   CA   sing N N 277 
SER N   H    sing N N 278 
SER N   H2   sing N N 279 
SER CA  C    sing N N 280 
SER CA  CB   sing N N 281 
SER CA  HA   sing N N 282 
SER C   O    doub N N 283 
SER C   OXT  sing N N 284 
SER CB  OG   sing N N 285 
SER CB  HB2  sing N N 286 
SER CB  HB3  sing N N 287 
SER OG  HG   sing N N 288 
SER OXT HXT  sing N N 289 
THR N   CA   sing N N 290 
THR N   H    sing N N 291 
THR N   H2   sing N N 292 
THR CA  C    sing N N 293 
THR CA  CB   sing N N 294 
THR CA  HA   sing N N 295 
THR C   O    doub N N 296 
THR C   OXT  sing N N 297 
THR CB  OG1  sing N N 298 
THR CB  CG2  sing N N 299 
THR CB  HB   sing N N 300 
THR OG1 HG1  sing N N 301 
THR CG2 HG21 sing N N 302 
THR CG2 HG22 sing N N 303 
THR CG2 HG23 sing N N 304 
THR OXT HXT  sing N N 305 
TRP N   CA   sing N N 306 
TRP N   H    sing N N 307 
TRP N   H2   sing N N 308 
TRP CA  C    sing N N 309 
TRP CA  CB   sing N N 310 
TRP CA  HA   sing N N 311 
TRP C   O    doub N N 312 
TRP C   OXT  sing N N 313 
TRP CB  CG   sing N N 314 
TRP CB  HB2  sing N N 315 
TRP CB  HB3  sing N N 316 
TRP CG  CD1  doub Y N 317 
TRP CG  CD2  sing Y N 318 
TRP CD1 NE1  sing Y N 319 
TRP CD1 HD1  sing N N 320 
TRP CD2 CE2  doub Y N 321 
TRP CD2 CE3  sing Y N 322 
TRP NE1 CE2  sing Y N 323 
TRP NE1 HE1  sing N N 324 
TRP CE2 CZ2  sing Y N 325 
TRP CE3 CZ3  doub Y N 326 
TRP CE3 HE3  sing N N 327 
TRP CZ2 CH2  doub Y N 328 
TRP CZ2 HZ2  sing N N 329 
TRP CZ3 CH2  sing Y N 330 
TRP CZ3 HZ3  sing N N 331 
TRP CH2 HH2  sing N N 332 
TRP OXT HXT  sing N N 333 
TYR N   CA   sing N N 334 
TYR N   H    sing N N 335 
TYR N   H2   sing N N 336 
TYR CA  C    sing N N 337 
TYR CA  CB   sing N N 338 
TYR CA  HA   sing N N 339 
TYR C   O    doub N N 340 
TYR C   OXT  sing N N 341 
TYR CB  CG   sing N N 342 
TYR CB  HB2  sing N N 343 
TYR CB  HB3  sing N N 344 
TYR CG  CD1  doub Y N 345 
TYR CG  CD2  sing Y N 346 
TYR CD1 CE1  sing Y N 347 
TYR CD1 HD1  sing N N 348 
TYR CD2 CE2  doub Y N 349 
TYR CD2 HD2  sing N N 350 
TYR CE1 CZ   doub Y N 351 
TYR CE1 HE1  sing N N 352 
TYR CE2 CZ   sing Y N 353 
TYR CE2 HE2  sing N N 354 
TYR CZ  OH   sing N N 355 
TYR OH  HH   sing N N 356 
TYR OXT HXT  sing N N 357 
VAL N   CA   sing N N 358 
VAL N   H    sing N N 359 
VAL N   H2   sing N N 360 
VAL CA  C    sing N N 361 
VAL CA  CB   sing N N 362 
VAL CA  HA   sing N N 363 
VAL C   O    doub N N 364 
VAL C   OXT  sing N N 365 
VAL CB  CG1  sing N N 366 
VAL CB  CG2  sing N N 367 
VAL CB  HB   sing N N 368 
VAL CG1 HG11 sing N N 369 
VAL CG1 HG12 sing N N 370 
VAL CG1 HG13 sing N N 371 
VAL CG2 HG21 sing N N 372 
VAL CG2 HG22 sing N N 373 
VAL CG2 HG23 sing N N 374 
VAL OXT HXT  sing N N 375 
# 
_pdbx_audit_support.funding_organization   'Academia Sinica (Taiwan)' 
_pdbx_audit_support.country                Taiwan 
_pdbx_audit_support.grant_number           ? 
_pdbx_audit_support.ordinal                1 
# 
_pdbx_entity_instance_feature.ordinal        1 
_pdbx_entity_instance_feature.comp_id        ZN 
_pdbx_entity_instance_feature.asym_id        ? 
_pdbx_entity_instance_feature.seq_num        ? 
_pdbx_entity_instance_feature.auth_comp_id   ZN 
_pdbx_entity_instance_feature.auth_asym_id   ? 
_pdbx_entity_instance_feature.auth_seq_num   ? 
_pdbx_entity_instance_feature.feature_type   'SUBJECT OF INVESTIGATION' 
_pdbx_entity_instance_feature.details        ? 
# 
_pdbx_initial_refinement_model.accession_code   7WUK 
_pdbx_initial_refinement_model.id               1 
_pdbx_initial_refinement_model.entity_id_list   ? 
_pdbx_initial_refinement_model.type             'experimental model' 
_pdbx_initial_refinement_model.source_name      PDB 
_pdbx_initial_refinement_model.details          D_1300027541 
# 
_atom_sites.entry_id                    7WUM 
_atom_sites.Cartn_transf_matrix[1][1]   ? 
_atom_sites.Cartn_transf_matrix[1][2]   ? 
_atom_sites.Cartn_transf_matrix[1][3]   ? 
_atom_sites.Cartn_transf_matrix[2][1]   ? 
_atom_sites.Cartn_transf_matrix[2][2]   ? 
_atom_sites.Cartn_transf_matrix[2][3]   ? 
_atom_sites.Cartn_transf_matrix[3][1]   ? 
_atom_sites.Cartn_transf_matrix[3][2]   ? 
_atom_sites.Cartn_transf_matrix[3][3]   ? 
_atom_sites.Cartn_transf_vector[1]      ? 
_atom_sites.Cartn_transf_vector[2]      ? 
_atom_sites.Cartn_transf_vector[3]      ? 
_atom_sites.fract_transf_matrix[1][1]   0.01905430 
_atom_sites.fract_transf_matrix[1][2]   0.03235569 
_atom_sites.fract_transf_matrix[1][3]   -0.00979542 
_atom_sites.fract_transf_matrix[2][1]   0.03629271 
_atom_sites.fract_transf_matrix[2][2]   -0.00220689 
_atom_sites.fract_transf_matrix[2][3]   -0.01356005 
_atom_sites.fract_transf_matrix[3][1]   -0.00305448 
_atom_sites.fract_transf_matrix[3][2]   -0.00064442 
_atom_sites.fract_transf_matrix[3][3]   -0.00807027 
_atom_sites.fract_transf_vector[1]      0.448805 
_atom_sites.fract_transf_vector[2]      1.015840 
_atom_sites.fract_transf_vector[3]      -0.075939 
_atom_sites.solution_primary            ? 
_atom_sites.solution_secondary          ? 
_atom_sites.solution_hydrogens          ? 
_atom_sites.special_details             ? 
# 
loop_
_atom_type.symbol 
C  
N  
O  
S  
ZN 
# 
loop_
_atom_site.group_PDB 
_atom_site.id 
_atom_site.type_symbol 
_atom_site.label_atom_id 
_atom_site.label_alt_id 
_atom_site.label_comp_id 
_atom_site.label_asym_id 
_atom_site.label_entity_id 
_atom_site.label_seq_id 
_atom_site.pdbx_PDB_ins_code 
_atom_site.Cartn_x 
_atom_site.Cartn_y 
_atom_site.Cartn_z 
_atom_site.occupancy 
_atom_site.B_iso_or_equiv 
_atom_site.pdbx_formal_charge 
_atom_site.auth_seq_id 
_atom_site.auth_comp_id 
_atom_site.auth_asym_id 
_atom_site.auth_atom_id 
_atom_site.pdbx_PDB_model_num 
ATOM   1   N  N   . ARG A 1 1  ? -4.948  -6.023  -0.975  1.00 36.51 ?  1   ARG X N   1 
ATOM   2   C  CA  . ARG A 1 1  ? -4.346  -6.303  0.351   1.00 34.69 ?  1   ARG X CA  1 
ATOM   3   C  C   . ARG A 1 1  ? -3.348  -7.452  0.192   1.00 37.57 ?  1   ARG X C   1 
ATOM   4   O  O   . ARG A 1 1  ? -3.185  -7.942  -0.931  1.00 36.98 ?  1   ARG X O   1 
ATOM   5   C  CB  . ARG A 1 1  ? -5.460  -6.610  1.355   1.00 37.48 ?  1   ARG X CB  1 
ATOM   6   C  CG  . ARG A 1 1  ? -6.525  -5.528  1.455   1.00 44.23 ?  1   ARG X CG  1 
ATOM   7   C  CD  . ARG A 1 1  ? -7.894  -6.009  1.891   1.00 48.08 ?  1   ARG X CD  1 
ATOM   8   N  NE  . ARG A 1 1  ? -8.495  -5.118  2.873   1.00 54.69 ?  1   ARG X NE  1 
ATOM   9   C  CZ  . ARG A 1 1  ? -9.651  -4.483  2.715   1.00 53.77 ?  1   ARG X CZ  1 
ATOM   10  N  NH1 . ARG A 1 1  ? -10.348 -4.643  1.605   1.00 50.90 ?  1   ARG X NH1 1 
ATOM   11  N  NH2 . ARG A 1 1  ? -10.106 -3.691  3.668   1.00 51.35 ?  1   ARG X NH2 1 
ATOM   12  N  N   . ASP A 1 2  ? -2.748  -7.886  1.293   1.00 39.25 ?  2   ASP X N   1 
ATOM   13  C  CA  . ASP A 1 2  ? -1.720  -8.913  1.186   1.00 39.42 ?  2   ASP X CA  1 
ATOM   14  C  C   . ASP A 1 2  ? -2.348  -10.273 0.855   1.00 49.94 ?  2   ASP X C   1 
ATOM   15  O  O   . ASP A 1 2  ? -3.560  -10.486 0.994   1.00 47.91 ?  2   ASP X O   1 
ATOM   16  C  CB  . ASP A 1 2  ? -0.861  -8.986  2.466   1.00 40.76 ?  2   ASP X CB  1 
ATOM   17  C  CG  . ASP A 1 2  ? -1.611  -9.529  3.702   1.00 46.66 ?  2   ASP X CG  1 
ATOM   18  O  OD1 . ASP A 1 2  ? -2.536  -10.366 3.589   1.00 55.03 ?  2   ASP X OD1 1 
ATOM   19  O  OD2 . ASP A 1 2  ? -1.233  -9.127  4.824   1.00 48.17 -1 2   ASP X OD2 1 
ATOM   20  N  N   . GLY A 1 3  ? -1.501  -11.196 0.396   1.00 49.09 ?  3   GLY X N   1 
ATOM   21  C  CA  . GLY A 1 3  ? -1.949  -12.508 -0.041  1.00 44.56 ?  3   GLY X CA  1 
ATOM   22  C  C   . GLY A 1 3  ? -1.577  -13.623 0.919   1.00 52.25 ?  3   GLY X C   1 
ATOM   23  O  O   . GLY A 1 3  ? -1.776  -14.802 0.614   1.00 62.56 ?  3   GLY X O   1 
ATOM   24  N  N   . ALA B 2 1  ? -7.670  4.212   -11.426 1.00 34.35 ?  120 ALA A N   1 
ATOM   25  C  CA  . ALA B 2 1  ? -8.412  4.478   -10.171 1.00 37.26 ?  120 ALA A CA  1 
ATOM   26  C  C   . ALA B 2 1  ? -7.790  3.719   -8.988  1.00 32.33 ?  120 ALA A C   1 
ATOM   27  O  O   . ALA B 2 1  ? -7.435  4.377   -8.015  1.00 32.06 ?  120 ALA A O   1 
ATOM   28  C  CB  . ALA B 2 1  ? -9.858  4.128   -10.358 1.00 36.31 ?  120 ALA A CB  1 
ATOM   29  N  N   . VAL B 2 2  ? -7.748  2.389   -9.055  1.00 28.09 ?  121 VAL A N   1 
ATOM   30  C  CA  . VAL B 2 2  ? -7.105  1.567   -7.990  1.00 27.69 ?  121 VAL A CA  1 
ATOM   31  C  C   . VAL B 2 2  ? -5.920  0.853   -8.629  1.00 27.27 ?  121 VAL A C   1 
ATOM   32  O  O   . VAL B 2 2  ? -6.091  0.241   -9.680  1.00 29.47 ?  121 VAL A O   1 
ATOM   33  C  CB  . VAL B 2 2  ? -8.074  0.573   -7.319  1.00 23.27 ?  121 VAL A CB  1 
ATOM   34  C  CG1 . VAL B 2 2  ? -7.351  -0.406  -6.413  1.00 26.68 ?  121 VAL A CG1 1 
ATOM   35  C  CG2 . VAL B 2 2  ? -9.181  1.287   -6.566  1.00 28.71 ?  121 VAL A CG2 1 
ATOM   36  N  N   . CYS B 2 3  ? -4.762  0.949   -7.994  1.00 24.71 ?  122 CYS A N   1 
ATOM   37  C  CA  . CYS B 2 3  ? -3.541  0.324   -8.527  1.00 18.47 ?  122 CYS A CA  1 
ATOM   38  C  C   . CYS B 2 3  ? -3.777  -1.157  -8.803  1.00 25.37 ?  122 CYS A C   1 
ATOM   39  O  O   . CYS B 2 3  ? -4.279  -1.858  -7.936  1.00 32.14 ?  122 CYS A O   1 
ATOM   40  C  CB  . CYS B 2 3  ? -2.405  0.491   -7.532  1.00 19.44 ?  122 CYS A CB  1 
ATOM   41  S  SG  . CYS B 2 3  ? -0.809  -0.063  -8.181  1.00 23.30 ?  122 CYS A SG  1 
ATOM   42  N  N   . GLY B 2 4  ? -3.382  -1.586  -9.986  1.00 24.35 ?  123 GLY A N   1 
ATOM   43  C  CA  . GLY B 2 4  ? -3.482  -2.995  -10.306 1.00 25.81 ?  123 GLY A CA  1 
ATOM   44  C  C   . GLY B 2 4  ? -2.192  -3.775  -10.157 1.00 28.33 ?  123 GLY A C   1 
ATOM   45  O  O   . GLY B 2 4  ? -2.034  -4.837  -10.766 1.00 31.34 ?  123 GLY A O   1 
ATOM   46  N  N   . SER B 2 5  ? -1.259  -3.267  -9.357  1.00 26.83 ?  124 SER A N   1 
ATOM   47  C  CA  A SER B 2 5  ? -0.013  -3.980  -9.118  0.47 24.69 ?  124 SER A CA  1 
ATOM   48  C  CA  B SER B 2 5  ? -0.016  -3.987  -9.134  0.53 24.65 ?  124 SER A CA  1 
ATOM   49  C  C   . SER B 2 5  ? -0.261  -5.233  -8.291  1.00 19.90 ?  124 SER A C   1 
ATOM   50  O  O   . SER B 2 5  ? -1.049  -5.222  -7.340  1.00 27.31 ?  124 SER A O   1 
ATOM   51  C  CB  A SER B 2 5  ? 0.993   -3.077  -8.400  0.47 30.76 ?  124 SER A CB  1 
ATOM   52  C  CB  B SER B 2 5  ? 1.013   -3.084  -8.450  0.53 30.83 ?  124 SER A CB  1 
ATOM   53  O  OG  A SER B 2 5  ? 2.294   -3.640  -8.414  0.47 32.36 ?  124 SER A OG  1 
ATOM   54  O  OG  B SER B 2 5  ? 1.555   -2.137  -9.353  0.53 32.72 ?  124 SER A OG  1 
ATOM   55  N  N   . VAL B 2 6  ? 0.417   -6.313  -8.653  1.00 21.79 ?  125 VAL A N   1 
ATOM   56  C  CA  . VAL B 2 6  ? 0.405   -7.540  -7.875  1.00 26.80 ?  125 VAL A CA  1 
ATOM   57  C  C   . VAL B 2 6  ? 1.855   -7.928  -7.651  1.00 23.43 ?  125 VAL A C   1 
ATOM   58  O  O   . VAL B 2 6  ? 2.739   -7.562  -8.429  1.00 27.76 ?  125 VAL A O   1 
ATOM   59  C  CB  . VAL B 2 6  ? -0.369  -8.664  -8.580  1.00 28.58 ?  125 VAL A CB  1 
ATOM   60  C  CG1 . VAL B 2 6  ? -1.816  -8.253  -8.786  1.00 29.39 ?  125 VAL A CG1 1 
ATOM   61  C  CG2 . VAL B 2 6  ? 0.287   -8.977  -9.892  1.00 27.70 ?  125 VAL A CG2 1 
ATOM   62  N  N   . TRP B 2 7  ? 2.111   -8.634  -6.551  1.00 20.40 ?  126 TRP A N   1 
ATOM   63  C  CA  . TRP B 2 7  ? 3.467   -9.081  -6.263  1.00 24.13 ?  126 TRP A CA  1 
ATOM   64  C  C   . TRP B 2 7  ? 3.426   -10.427 -5.555  1.00 18.62 ?  126 TRP A C   1 
ATOM   65  O  O   . TRP B 2 7  ? 2.395   -10.846 -5.023  1.00 23.28 ?  126 TRP A O   1 
ATOM   66  C  CB  . TRP B 2 7  ? 4.260   -8.029  -5.449  1.00 24.28 ?  126 TRP A CB  1 
ATOM   67  C  CG  . TRP B 2 7  ? 3.707   -7.760  -4.102  1.00 22.53 ?  126 TRP A CG  1 
ATOM   68  C  CD1 . TRP B 2 7  ? 4.036   -8.397  -2.943  1.00 19.06 ?  126 TRP A CD1 1 
ATOM   69  C  CD2 . TRP B 2 7  ? 2.760   -6.741  -3.743  1.00 20.30 ?  126 TRP A CD2 1 
ATOM   70  N  NE1 . TRP B 2 7  ? 3.321   -7.872  -1.894  1.00 21.88 ?  126 TRP A NE1 1 
ATOM   71  C  CE2 . TRP B 2 7  ? 2.540   -6.848  -2.357  1.00 24.31 ?  126 TRP A CE2 1 
ATOM   72  C  CE3 . TRP B 2 7  ? 2.078   -5.756  -4.455  1.00 22.24 ?  126 TRP A CE3 1 
ATOM   73  C  CZ2 . TRP B 2 7  ? 1.657   -6.024  -1.678  1.00 21.11 ?  126 TRP A CZ2 1 
ATOM   74  C  CZ3 . TRP B 2 7  ? 1.204   -4.935  -3.771  1.00 21.65 ?  126 TRP A CZ3 1 
ATOM   75  C  CH2 . TRP B 2 7  ? 1.008   -5.071  -2.399  1.00 20.86 ?  126 TRP A CH2 1 
ATOM   76  N  N   . GLY B 2 8  ? 4.567   -11.116 -5.594  1.00 22.47 ?  127 GLY A N   1 
ATOM   77  C  CA  . GLY B 2 8  ? 4.700   -12.439 -5.027  1.00 24.07 ?  127 GLY A CA  1 
ATOM   78  C  C   . GLY B 2 8  ? 5.275   -12.437 -3.617  1.00 26.46 ?  127 GLY A C   1 
ATOM   79  O  O   . GLY B 2 8  ? 5.586   -11.400 -3.027  1.00 23.99 ?  127 GLY A O   1 
ATOM   80  N  N   . GLN B 2 9  ? 5.423   -13.655 -3.083  1.00 27.61 ?  128 GLN A N   1 
ATOM   81  C  CA  . GLN B 2 9  ? 5.785   -13.809 -1.675  1.00 31.06 ?  128 GLN A CA  1 
ATOM   82  C  C   . GLN B 2 9  ? 7.104   -13.131 -1.360  1.00 27.94 ?  128 GLN A C   1 
ATOM   83  O  O   . GLN B 2 9  ? 7.243   -12.513 -0.301  1.00 30.96 ?  128 GLN A O   1 
ATOM   84  C  CB  . GLN B 2 9  ? 5.865   -15.282 -1.272  1.00 34.09 ?  128 GLN A CB  1 
ATOM   85  C  CG  . GLN B 2 9  ? 6.597   -16.156 -2.250  1.00 43.48 ?  128 GLN A CG  1 
ATOM   86  C  CD  . GLN B 2 9  ? 6.778   -17.568 -1.734  1.00 46.55 ?  128 GLN A CD  1 
ATOM   87  O  OE1 . GLN B 2 9  ? 7.259   -18.447 -2.461  1.00 52.91 ?  128 GLN A OE1 1 
ATOM   88  N  NE2 . GLN B 2 9  ? 6.422   -17.791 -0.468  1.00 40.56 ?  128 GLN A NE2 1 
ATOM   89  N  N   . ASN B 2 10 ? 8.094   -13.245 -2.243  1.00 25.09 ?  129 ASN A N   1 
ATOM   90  C  CA  . ASN B 2 10 ? 9.407   -12.693 -1.936  1.00 27.79 ?  129 ASN A CA  1 
ATOM   91  C  C   . ASN B 2 10 ? 9.616   -11.309 -2.535  1.00 27.22 ?  129 ASN A C   1 
ATOM   92  O  O   . ASN B 2 10 ? 10.755  -10.891 -2.760  1.00 24.21 ?  129 ASN A O   1 
ATOM   93  C  CB  . ASN B 2 10 ? 10.510  -13.652 -2.372  1.00 30.49 ?  129 ASN A CB  1 
ATOM   94  C  CG  . ASN B 2 10 ? 10.471  -14.962 -1.604  1.00 28.41 ?  129 ASN A CG  1 
ATOM   95  O  OD1 . ASN B 2 10 ? 10.036  -15.004 -0.457  1.00 35.28 ?  129 ASN A OD1 1 
ATOM   96  N  ND2 . ASN B 2 10 ? 10.923  -16.033 -2.232  1.00 36.36 ?  129 ASN A ND2 1 
ATOM   97  N  N   . ASP B 2 11 ? 8.537   -10.575 -2.771  1.00 20.01 ?  130 ASP A N   1 
ATOM   98  C  CA  . ASP B 2 11 ? 8.609   -9.200  -3.243  1.00 19.21 ?  130 ASP A CA  1 
ATOM   99  C  C   . ASP B 2 11 ? 8.299   -8.257  -2.087  1.00 21.86 ?  130 ASP A C   1 
ATOM   100 O  O   . ASP B 2 11 ? 7.336   -8.473  -1.346  1.00 22.91 ?  130 ASP A O   1 
ATOM   101 C  CB  . ASP B 2 11 ? 7.592   -8.976  -4.362  1.00 20.20 ?  130 ASP A CB  1 
ATOM   102 C  CG  . ASP B 2 11 ? 8.020   -9.588  -5.658  1.00 30.82 ?  130 ASP A CG  1 
ATOM   103 O  OD1 . ASP B 2 11 ? 7.179   -10.147 -6.388  1.00 36.66 -1 130 ASP A OD1 1 
ATOM   104 O  OD2 . ASP B 2 11 ? 9.226   -9.506  -5.946  1.00 35.64 ?  130 ASP A OD2 1 
ATOM   105 N  N   . LEU B 2 12 ? 9.100   -7.209  -1.942  1.00 22.84 ?  131 LEU A N   1 
ATOM   106 C  CA  . LEU B 2 12 ? 8.863   -6.234  -0.886  1.00 22.96 ?  131 LEU A CA  1 
ATOM   107 C  C   . LEU B 2 12 ? 7.669   -5.349  -1.217  1.00 21.32 ?  131 LEU A C   1 
ATOM   108 O  O   . LEU B 2 12 ? 7.399   -5.036  -2.381  1.00 22.16 ?  131 LEU A O   1 
ATOM   109 C  CB  . LEU B 2 12 ? 10.095  -5.363  -0.689  1.00 25.05 ?  131 LEU A CB  1 
ATOM   110 C  CG  . LEU B 2 12 ? 11.307  -6.078  -0.107  1.00 24.23 ?  131 LEU A CG  1 
ATOM   111 C  CD1 . LEU B 2 12 ? 12.546  -5.214  -0.280  1.00 26.63 ?  131 LEU A CD1 1 
ATOM   112 C  CD2 . LEU B 2 12 ? 11.060  -6.362  1.364   1.00 24.20 ?  131 LEU A CD2 1 
ATOM   113 N  N   . ALA B 2 13 ? 6.961   -4.923  -0.175  1.00 20.72 ?  132 ALA A N   1 
ATOM   114 C  CA  . ALA B 2 13 ? 5.929   -3.913  -0.322  1.00 19.60 ?  132 ALA A CA  1 
ATOM   115 C  C   . ALA B 2 13 ? 5.903   -3.092  0.957   1.00 20.59 ?  132 ALA A C   1 
ATOM   116 O  O   . ALA B 2 13 ? 6.738   -3.280  1.850   1.00 23.19 ?  132 ALA A O   1 
ATOM   117 C  CB  . ALA B 2 13 ? 4.569   -4.547  -0.629  1.00 21.63 ?  132 ALA A CB  1 
ATOM   118 N  N   . TYR B 2 14 ? 4.954   -2.169  1.052   1.00 17.82 ?  133 TYR A N   1 
ATOM   119 C  CA  . TYR B 2 14 ? 4.882   -1.293  2.206   1.00 19.81 ?  133 TYR A CA  1 
ATOM   120 C  C   . TYR B 2 14 ? 3.591   -1.515  2.969   1.00 21.20 ?  133 TYR A C   1 
ATOM   121 O  O   . TYR B 2 14 ? 2.506   -1.547  2.382   1.00 20.50 ?  133 TYR A O   1 
ATOM   122 C  CB  . TYR B 2 14 ? 4.975   0.184   1.813   1.00 19.60 ?  133 TYR A CB  1 
ATOM   123 C  CG  . TYR B 2 14 ? 6.377   0.691   1.582   1.00 16.66 ?  133 TYR A CG  1 
ATOM   124 C  CD1 . TYR B 2 14 ? 6.995   0.561   0.350   1.00 24.28 ?  133 TYR A CD1 1 
ATOM   125 C  CD2 . TYR B 2 14 ? 7.118   1.247   2.642   1.00 18.17 ?  133 TYR A CD2 1 
ATOM   126 C  CE1 . TYR B 2 14 ? 8.284   1.028   0.132   1.00 23.76 ?  133 TYR A CE1 1 
ATOM   127 C  CE2 . TYR B 2 14 ? 8.418   1.691   2.445   1.00 23.86 ?  133 TYR A CE2 1 
ATOM   128 C  CZ  . TYR B 2 14 ? 9.001   1.578   1.188   1.00 24.80 ?  133 TYR A CZ  1 
ATOM   129 O  OH  . TYR B 2 14 ? 10.283  2.029   0.964   1.00 27.84 ?  133 TYR A OH  1 
ATOM   130 N  N   . ARG B 2 15 ? 3.719   -1.654  4.281   1.00 19.82 ?  134 ARG A N   1 
ATOM   131 C  CA  . ARG B 2 15 ? 2.628   -1.445  5.214   1.00 20.25 ?  134 ARG A CA  1 
ATOM   132 C  C   . ARG B 2 15 ? 2.705   -0.016  5.714   1.00 20.21 ?  134 ARG A C   1 
ATOM   133 O  O   . ARG B 2 15 ? 3.794   0.532   5.881   1.00 21.69 ?  134 ARG A O   1 
ATOM   134 C  CB  . ARG B 2 15 ? 2.750   -2.350  6.441   1.00 21.62 ?  134 ARG A CB  1 
ATOM   135 C  CG  . ARG B 2 15 ? 2.875   -3.826  6.235   1.00 30.09 ?  134 ARG A CG  1 
ATOM   136 C  CD  . ARG B 2 15 ? 1.610   -4.480  5.835   1.00 29.61 ?  134 ARG A CD  1 
ATOM   137 N  NE  . ARG B 2 15 ? 1.741   -5.923  6.013   1.00 29.32 ?  134 ARG A NE  1 
ATOM   138 C  CZ  . ARG B 2 15 ? 0.863   -6.801  5.556   1.00 31.12 ?  134 ARG A CZ  1 
ATOM   139 N  NH1 . ARG B 2 15 ? -0.224  -6.412  4.912   1.00 29.89 ?  134 ARG A NH1 1 
ATOM   140 N  NH2 . ARG B 2 15 ? 1.086   -8.100  5.740   1.00 31.92 ?  134 ARG A NH2 1 
ATOM   141 N  N   . CYS B 2 16 ? 1.555   0.581   5.982   1.00 17.22 ?  135 CYS A N   1 
ATOM   142 C  CA  . CYS B 2 16 ? 1.544   1.861   6.672   1.00 21.08 ?  135 CYS A CA  1 
ATOM   143 C  C   . CYS B 2 16 ? 0.431   1.802   7.699   1.00 20.18 ?  135 CYS A C   1 
ATOM   144 O  O   . CYS B 2 16 ? -0.748  1.762   7.346   1.00 20.53 ?  135 CYS A O   1 
ATOM   145 C  CB  . CYS B 2 16 ? 1.345   3.035   5.718   1.00 21.63 ?  135 CYS A CB  1 
ATOM   146 S  SG  . CYS B 2 16 ? 1.584   4.587   6.637   1.00 20.68 ?  135 CYS A SG  1 
ATOM   147 N  N   . ARG B 2 17 ? 0.804   1.739   8.963   1.00 17.94 ?  136 ARG A N   1 
ATOM   148 C  CA  A ARG B 2 17 ? -0.231  1.738   9.993   0.59 25.53 ?  136 ARG A CA  1 
ATOM   149 C  CA  B ARG B 2 17 ? -0.230  1.743   10.030  0.41 25.52 ?  136 ARG A CA  1 
ATOM   150 C  C   . ARG B 2 17 ? -1.012  3.078   10.168  1.00 20.70 ?  136 ARG A C   1 
ATOM   151 O  O   . ARG B 2 17 ? -2.171  3.194   10.699  1.00 27.90 ?  136 ARG A O   1 
ATOM   152 C  CB  A ARG B 2 17 ? 0.405   1.311   11.305  0.59 31.47 ?  136 ARG A CB  1 
ATOM   153 C  CB  B ARG B 2 17 ? 0.397   1.337   11.366  0.41 31.48 ?  136 ARG A CB  1 
ATOM   154 C  CG  A ARG B 2 17 ? 0.254   -0.175  11.534  0.59 33.44 ?  136 ARG A CG  1 
ATOM   155 C  CG  B ARG B 2 17 ? 1.297   0.113   11.285  0.41 32.71 ?  136 ARG A CG  1 
ATOM   156 C  CD  A ARG B 2 17 ? 1.307   -0.942  10.754  0.59 32.20 ?  136 ARG A CD  1 
ATOM   157 C  CD  B ARG B 2 17 ? 0.682   -1.000  10.463  0.41 32.27 ?  136 ARG A CD  1 
ATOM   158 N  NE  A ARG B 2 17 ? 2.639   -0.363  10.911  0.59 41.36 ?  136 ARG A NE  1 
ATOM   159 N  NE  B ARG B 2 17 ? 1.471   -2.221  10.482  0.41 39.68 ?  136 ARG A NE  1 
ATOM   160 C  CZ  A ARG B 2 17 ? 3.768   -1.015  10.660  0.59 40.17 ?  136 ARG A CZ  1 
ATOM   161 C  CZ  B ARG B 2 17 ? 1.066   -3.385  9.987   0.41 38.52 ?  136 ARG A CZ  1 
ATOM   162 N  NH1 A ARG B 2 17 ? 3.758   -2.251  10.181  0.59 40.26 ?  136 ARG A NH1 1 
ATOM   163 N  NH1 B ARG B 2 17 ? -0.128  -3.489  9.432   0.41 38.17 ?  136 ARG A NH1 1 
ATOM   164 N  NH2 A ARG B 2 17 ? 4.935   -0.414  10.897  0.59 33.47 ?  136 ARG A NH2 1 
ATOM   165 N  NH2 B ARG B 2 17 ? 1.858   -4.440  10.052  0.41 32.78 ?  136 ARG A NH2 1 
ATOM   166 N  N   . THR B 2 18 ? -0.397  4.140   9.632   1.00 22.51 ?  137 THR A N   1 
ATOM   167 C  CA  . THR B 2 18 ? -1.107  5.406   9.623   1.00 20.53 ?  137 THR A CA  1 
ATOM   168 C  C   . THR B 2 18 ? -2.219  5.420   8.577   1.00 20.89 ?  137 THR A C   1 
ATOM   169 O  O   . THR B 2 18 ? -3.299  5.973   8.819   1.00 22.87 ?  137 THR A O   1 
ATOM   170 C  CB  . THR B 2 18 ? -0.106  6.526   9.379   1.00 21.09 ?  137 THR A CB  1 
ATOM   171 O  OG1 . THR B 2 18 ? 0.970   6.401   10.321  1.00 19.90 ?  137 THR A OG1 1 
ATOM   172 C  CG2 . THR B 2 18 ? -0.759  7.864   9.558   1.00 23.06 ?  137 THR A CG2 1 
ATOM   173 N  N   . CYS B 2 19 ? -1.984  4.805   7.415   1.00 22.93 ?  138 CYS A N   1 
ATOM   174 C  CA  . CYS B 2 19 ? -2.920  4.884   6.303   1.00 24.75 ?  138 CYS A CA  1 
ATOM   175 C  C   . CYS B 2 19 ? -3.876  3.701   6.176   1.00 22.14 ?  138 CYS A C   1 
ATOM   176 O  O   . CYS B 2 19 ? -4.921  3.852   5.531   1.00 25.22 ?  138 CYS A O   1 
ATOM   177 C  CB  . CYS B 2 19 ? -2.157  5.021   4.984   1.00 22.39 ?  138 CYS A CB  1 
ATOM   178 S  SG  . CYS B 2 19 ? -1.356  6.598   4.789   1.00 22.85 ?  138 CYS A SG  1 
ATOM   179 N  N   . GLU B 2 20 ? -3.553  2.545   6.754   1.00 23.24 ?  139 GLU A N   1 
ATOM   180 C  CA  . GLU B 2 20 ? -4.325  1.325   6.523   1.00 22.65 ?  139 GLU A CA  1 
ATOM   181 C  C   . GLU B 2 20 ? -5.681  1.365   7.225   1.00 28.64 ?  139 GLU A C   1 
ATOM   182 O  O   . GLU B 2 20 ? -5.853  1.996   8.275   1.00 26.57 ?  139 GLU A O   1 
ATOM   183 C  CB  . GLU B 2 20 ? -3.557  0.104   7.034   1.00 22.12 ?  139 GLU A CB  1 
ATOM   184 C  CG  . GLU B 2 20 ? -3.551  0.046   8.562   1.00 26.56 ?  139 GLU A CG  1 
ATOM   185 C  CD  . GLU B 2 20 ? -2.703  -1.067  9.155   1.00 31.50 ?  139 GLU A CD  1 
ATOM   186 O  OE1 . GLU B 2 20 ? -1.704  -1.474  8.525   1.00 29.99 ?  139 GLU A OE1 1 
ATOM   187 O  OE2 . GLU B 2 20 ? -3.043  -1.542  10.264  1.00 33.71 -1 139 GLU A OE2 1 
ATOM   188 N  N   . HIS B 2 21 ? -6.636  0.588   6.700   1.00 28.39 ?  140 HIS A N   1 
ATOM   189 C  CA  . HIS B 2 21 ? -7.944  0.408   7.387   1.00 30.02 ?  140 HIS A CA  1 
ATOM   190 C  C   . HIS B 2 21 ? -7.967  -0.992  8.000   1.00 34.08 ?  140 HIS A C   1 
ATOM   191 O  O   . HIS B 2 21 ? -8.878  -1.266  8.766   1.00 40.35 ?  140 HIS A O   1 
ATOM   192 C  CB  . HIS B 2 21 ? -9.115  0.623   6.428   1.00 26.19 ?  140 HIS A CB  1 
ATOM   193 C  CG  . HIS B 2 21 ? -9.404  2.057   6.153   1.00 23.98 ?  140 HIS A CG  1 
ATOM   194 N  ND1 . HIS B 2 21 ? -9.652  2.959   7.160   1.00 31.10 ?  140 HIS A ND1 1 
ATOM   195 C  CD2 . HIS B 2 21 ? -9.494  2.743   4.997   1.00 25.93 ?  140 HIS A CD2 1 
ATOM   196 C  CE1 . HIS B 2 21 ? -9.879  4.144   6.637   1.00 26.70 ?  140 HIS A CE1 1 
ATOM   197 N  NE2 . HIS B 2 21 ? -9.788  4.038   5.313   1.00 28.72 ?  140 HIS A NE2 1 
ATOM   198 N  N   . ASP B 2 22 ? -6.964  -1.818  7.734   1.00 33.42 ?  141 ASP A N   1 
ATOM   199 C  CA  . ASP B 2 22 ? -6.845  -3.168  8.261   1.00 37.48 ?  141 ASP A CA  1 
ATOM   200 C  C   . ASP B 2 22 ? -5.364  -3.545  8.240   1.00 33.52 ?  141 ASP A C   1 
ATOM   201 O  O   . ASP B 2 22 ? -4.661  -3.111  7.403   1.00 30.62 ?  141 ASP A O   1 
ATOM   202 C  CB  . ASP B 2 22 ? -7.628  -4.121  7.390   1.00 40.50 ?  141 ASP A CB  1 
ATOM   203 C  CG  . ASP B 2 22 ? -7.703  -5.480  7.975   1.00 44.62 ?  141 ASP A CG  1 
ATOM   204 O  OD1 . ASP B 2 22 ? -6.851  -6.289  7.665   1.00 46.42 -1 141 ASP A OD1 1 
ATOM   205 O  OD2 . ASP B 2 22 ? -8.604  -5.724  8.789   1.00 54.82 ?  141 ASP A OD2 1 
ATOM   206 N  N   . PRO B 2 23 ? -4.907  -4.356  9.190   1.00 32.11 ?  142 PRO A N   1 
ATOM   207 C  CA  . PRO B 2 23 ? -3.497  -4.729  9.224   1.00 30.82 ?  142 PRO A CA  1 
ATOM   208 C  C   . PRO B 2 23 ? -3.023  -5.542  8.034   1.00 27.79 ?  142 PRO A C   1 
ATOM   209 O  O   . PRO B 2 23 ? -1.852  -5.668  7.835   1.00 31.59 ?  142 PRO A O   1 
ATOM   210 C  CB  . PRO B 2 23 ? -3.349  -5.527  10.517  1.00 29.15 ?  142 PRO A CB  1 
ATOM   211 C  CG  . PRO B 2 23 ? -4.699  -5.716  11.040  1.00 36.07 ?  142 PRO A CG  1 
ATOM   212 C  CD  . PRO B 2 23 ? -5.608  -4.712  10.419  1.00 35.63 ?  142 PRO A CD  1 
ATOM   213 N  N   . THR B 2 24 ? -3.950  -6.033  7.242   1.00 29.99 ?  143 THR A N   1 
ATOM   214 C  CA  . THR B 2 24 ? -3.615  -6.839  6.045   1.00 29.87 ?  143 THR A CA  1 
ATOM   215 C  C   . THR B 2 24 ? -3.357  -5.940  4.840   1.00 32.98 ?  143 THR A C   1 
ATOM   216 O  O   . THR B 2 24 ? -2.962  -6.461  3.804   1.00 28.54 ?  143 THR A O   1 
ATOM   217 C  CB  . THR B 2 24 ? -4.762  -7.790  5.694   1.00 37.21 ?  143 THR A CB  1 
ATOM   218 O  OG1 . THR B 2 24 ? -5.940  -7.024  5.445   1.00 38.91 ?  143 THR A OG1 1 
ATOM   219 C  CG2 . THR B 2 24 ? -5.018  -8.805  6.785   1.00 32.47 ?  143 THR A CG2 1 
ATOM   220 N  N   . CYS B 2 25 ? -3.592  -4.642  4.991   1.00 28.18 ?  144 CYS A N   1 
ATOM   221 C  CA  . CYS B 2 25 ? -3.449  -3.753  3.848   1.00 28.69 ?  144 CYS A CA  1 
ATOM   222 C  C   . CYS B 2 25 ? -1.978  -3.519  3.513   1.00 25.09 ?  144 CYS A C   1 
ATOM   223 O  O   . CYS B 2 25 ? -1.096  -3.588  4.376   1.00 24.23 ?  144 CYS A O   1 
ATOM   224 C  CB  . CYS B 2 25 ? -4.140  -2.420  4.123   1.00 26.78 ?  144 CYS A CB  1 
ATOM   225 S  SG  . CYS B 2 25 ? -5.903  -2.616  4.377   1.00 37.75 ?  144 CYS A SG  1 
ATOM   226 N  N   . ALA B 2 26 ? -1.719  -3.243  2.235   1.00 21.09 ?  145 ALA A N   1 
ATOM   227 C  CA  . ALA B 2 26 ? -0.365  -2.935  1.798   1.00 18.68 ?  145 ALA A CA  1 
ATOM   228 C  C   . ALA B 2 26 ? -0.437  -2.224  0.462   1.00 25.64 ?  145 ALA A C   1 
ATOM   229 O  O   . ALA B 2 26 ? -1.401  -2.374  -0.295  1.00 24.36 ?  145 ALA A O   1 
ATOM   230 C  CB  . ALA B 2 26 ? 0.497   -4.195  1.670   1.00 19.44 ?  145 ALA A CB  1 
ATOM   231 N  N   . ILE B 2 27 ? 0.613   -1.466  0.167   1.00 20.00 ?  146 ILE A N   1 
ATOM   232 C  CA  . ILE B 2 27 ? 0.731   -0.816  -1.127  1.00 18.09 ?  146 ILE A CA  1 
ATOM   233 C  C   . ILE B 2 27 ? 2.090   -1.136  -1.734  1.00 19.18 ?  146 ILE A C   1 
ATOM   234 O  O   . ILE B 2 27 ? 3.063   -1.411  -1.029  1.00 19.65 ?  146 ILE A O   1 
ATOM   235 C  CB  . ILE B 2 27 ? 0.485   0.713   -1.053  1.00 17.65 ?  146 ILE A CB  1 
ATOM   236 C  CG1 . ILE B 2 27 ? 1.549   1.437   -0.228  1.00 22.33 ?  146 ILE A CG1 1 
ATOM   237 C  CG2 . ILE B 2 27 ? -0.949  1.002   -0.574  1.00 22.60 ?  146 ILE A CG2 1 
ATOM   238 C  CD1 . ILE B 2 27 ? 1.390   2.946   -0.251  1.00 22.61 ?  146 ILE A CD1 1 
ATOM   239 N  N   . CYS B 2 28 ? 2.148   -1.113  -3.057  1.00 17.86 ?  147 CYS A N   1 
ATOM   240 C  CA  . CYS B 2 28 ? 3.375   -1.461  -3.760  1.00 18.29 ?  147 CYS A CA  1 
ATOM   241 C  C   . CYS B 2 28 ? 4.432   -0.377  -3.564  1.00 19.86 ?  147 CYS A C   1 
ATOM   242 O  O   . CYS B 2 28 ? 4.132   0.769   -3.220  1.00 19.88 ?  147 CYS A O   1 
ATOM   243 C  CB  . CYS B 2 28 ? 3.078   -1.680  -5.250  1.00 20.68 ?  147 CYS A CB  1 
ATOM   244 S  SG  . CYS B 2 28 ? 2.666   -0.184  -6.219  1.00 21.38 ?  147 CYS A SG  1 
ATOM   245 N  N   . VAL B 2 29 ? 5.690   -0.744  -3.813  1.00 20.23 ?  148 VAL A N   1 
ATOM   246 C  CA  . VAL B 2 29 ? 6.783   0.209   -3.612  1.00 20.41 ?  148 VAL A CA  1 
ATOM   247 C  C   . VAL B 2 29 ? 6.590   1.486   -4.428  1.00 20.28 ?  148 VAL A C   1 
ATOM   248 O  O   . VAL B 2 29 ? 6.691   2.581   -3.851  1.00 24.77 ?  148 VAL A O   1 
ATOM   249 C  CB  . VAL B 2 29 ? 8.138   -0.474  -3.875  1.00 25.85 ?  148 VAL A CB  1 
ATOM   250 C  CG1 . VAL B 2 29 ? 9.239   0.570   -4.050  1.00 28.14 ?  148 VAL A CG1 1 
ATOM   251 C  CG2 . VAL B 2 29 ? 8.471   -1.451  -2.758  1.00 25.85 ?  148 VAL A CG2 1 
ATOM   252 N  N   . PRO B 2 30 ? 6.327   1.437   -5.739  1.00 22.62 ?  149 PRO A N   1 
ATOM   253 C  CA  . PRO B 2 30 ? 6.132   2.706   -6.456  1.00 18.13 ?  149 PRO A CA  1 
ATOM   254 C  C   . PRO B 2 30 ? 4.998   3.549   -5.907  1.00 19.27 ?  149 PRO A C   1 
ATOM   255 O  O   . PRO B 2 30 ? 5.131   4.775   -5.870  1.00 23.09 ?  149 PRO A O   1 
ATOM   256 C  CB  . PRO B 2 30 ? 5.863   2.268   -7.897  1.00 21.52 ?  149 PRO A CB  1 
ATOM   257 C  CG  . PRO B 2 30 ? 6.300   0.878   -8.002  1.00 26.62 ?  149 PRO A CG  1 
ATOM   258 C  CD  . PRO B 2 30 ? 6.350   0.277   -6.651  1.00 20.68 ?  149 PRO A CD  1 
ATOM   259 N  N   . CYS B 2 31 ? 3.880   2.945   -5.493  1.00 20.74 ?  150 CYS A N   1 
ATOM   260 C  CA  . CYS B 2 31 ? 2.814   3.748   -4.902  1.00 16.18 ?  150 CYS A CA  1 
ATOM   261 C  C   . CYS B 2 31 ? 3.262   4.401   -3.601  1.00 20.52 ?  150 CYS A C   1 
ATOM   262 O  O   . CYS B 2 31 ? 2.869   5.535   -3.305  1.00 19.99 ?  150 CYS A O   1 
ATOM   263 C  CB  . CYS B 2 31 ? 1.562   2.901   -4.669  1.00 16.54 ?  150 CYS A CB  1 
ATOM   264 S  SG  . CYS B 2 31 ? 0.644   2.649   -6.190  1.00 20.84 ?  150 CYS A SG  1 
ATOM   265 N  N   . PHE B 2 32 ? 4.062   3.704   -2.802  1.00 21.42 ?  151 PHE A N   1 
ATOM   266 C  CA  . PHE B 2 32 ? 4.555   4.339   -1.589  1.00 17.72 ?  151 PHE A CA  1 
ATOM   267 C  C   . PHE B 2 32 ? 5.485   5.492   -1.927  1.00 20.59 ?  151 PHE A C   1 
ATOM   268 O  O   . PHE B 2 32 ? 5.382   6.583   -1.343  1.00 20.90 ?  151 PHE A O   1 
ATOM   269 C  CB  . PHE B 2 32 ? 5.266   3.316   -0.703  1.00 14.86 ?  151 PHE A CB  1 
ATOM   270 C  CG  . PHE B 2 32 ? 5.810   3.897   0.559   1.00 20.51 ?  151 PHE A CG  1 
ATOM   271 C  CD1 . PHE B 2 32 ? 7.046   4.530   0.583   1.00 19.18 ?  151 PHE A CD1 1 
ATOM   272 C  CD2 . PHE B 2 32 ? 5.054   3.859   1.709   1.00 24.06 ?  151 PHE A CD2 1 
ATOM   273 C  CE1 . PHE B 2 32 ? 7.534   5.084   1.782   1.00 24.92 ?  151 PHE A CE1 1 
ATOM   274 C  CE2 . PHE B 2 32 ? 5.540   4.410   2.895   1.00 22.61 ?  151 PHE A CE2 1 
ATOM   275 C  CZ  . PHE B 2 32 ? 6.769   5.035   2.912   1.00 23.07 ?  151 PHE A CZ  1 
ATOM   276 N  N   . GLN B 2 33 ? 6.411   5.260   -2.861  1.00 19.84 ?  152 GLN A N   1 
ATOM   277 C  CA  . GLN B 2 33 ? 7.382   6.287   -3.220  1.00 20.60 ?  152 GLN A CA  1 
ATOM   278 C  C   . GLN B 2 33 ? 6.716   7.525   -3.803  1.00 27.99 ?  152 GLN A C   1 
ATOM   279 O  O   . GLN B 2 33 ? 7.225   8.635   -3.640  1.00 26.81 ?  152 GLN A O   1 
ATOM   280 C  CB  . GLN B 2 33 ? 8.393   5.732   -4.219  1.00 24.38 ?  152 GLN A CB  1 
ATOM   281 C  CG  . GLN B 2 33 ? 9.273   4.667   -3.666  1.00 26.00 ?  152 GLN A CG  1 
ATOM   282 C  CD  . GLN B 2 33 ? 10.151  4.041   -4.718  1.00 31.39 ?  152 GLN A CD  1 
ATOM   283 O  OE1 . GLN B 2 33 ? 9.900   4.168   -5.921  1.00 35.50 ?  152 GLN A OE1 1 
ATOM   284 N  NE2 . GLN B 2 33 ? 11.223  3.398   -4.274  1.00 38.50 ?  152 GLN A NE2 1 
ATOM   285 N  N   . ASN B 2 34 ? 5.595   7.364   -4.490  1.00 23.11 ?  153 ASN A N   1 
ATOM   286 C  CA  . ASN B 2 34 ? 4.908   8.491   -5.103  1.00 22.16 ?  153 ASN A CA  1 
ATOM   287 C  C   . ASN B 2 34 ? 3.809   9.060   -4.217  1.00 25.09 ?  153 ASN A C   1 
ATOM   288 O  O   . ASN B 2 34 ? 2.986   9.850   -4.697  1.00 26.68 ?  153 ASN A O   1 
ATOM   289 C  CB  . ASN B 2 34 ? 4.350   8.081   -6.467  1.00 23.88 ?  153 ASN A CB  1 
ATOM   290 C  CG  . ASN B 2 34 ? 5.433   7.951   -7.519  1.00 26.49 ?  153 ASN A CG  1 
ATOM   291 O  OD1 . ASN B 2 34 ? 6.494   8.573   -7.418  1.00 34.63 ?  153 ASN A OD1 1 
ATOM   292 N  ND2 . ASN B 2 34 ? 5.172   7.141   -8.539  1.00 32.31 ?  153 ASN A ND2 1 
ATOM   293 N  N   . GLY B 2 35 ? 3.783   8.681   -2.938  1.00 24.62 ?  154 GLY A N   1 
ATOM   294 C  CA  . GLY B 2 35 ? 2.872   9.245   -1.969  1.00 24.19 ?  154 GLY A CA  1 
ATOM   295 C  C   . GLY B 2 35 ? 3.618   9.940   -0.840  1.00 24.01 ?  154 GLY A C   1 
ATOM   296 O  O   . GLY B 2 35 ? 4.847   10.039  -0.833  1.00 24.67 ?  154 GLY A O   1 
ATOM   297 N  N   . ASN B 2 36 ? 2.837   10.415  0.122   1.00 24.88 ?  155 ASN A N   1 
ATOM   298 C  CA  . ASN B 2 36 ? 3.327   11.253  1.216   1.00 24.28 ?  155 ASN A CA  1 
ATOM   299 C  C   . ASN B 2 36 ? 3.088   10.507  2.529   1.00 22.05 ?  155 ASN A C   1 
ATOM   300 O  O   . ASN B 2 36 ? 1.952   10.449  3.017   1.00 22.81 ?  155 ASN A O   1 
ATOM   301 C  CB  . ASN B 2 36 ? 2.610   12.598  1.201   1.00 24.37 ?  155 ASN A CB  1 
ATOM   302 C  CG  . ASN B 2 36 ? 2.767   13.322  -0.123  1.00 32.32 ?  155 ASN A CG  1 
ATOM   303 O  OD1 . ASN B 2 36 ? 3.871   13.398  -0.676  1.00 40.60 ?  155 ASN A OD1 1 
ATOM   304 N  ND2 . ASN B 2 36 ? 1.647   13.817  -0.670  1.00 34.48 ?  155 ASN A ND2 1 
ATOM   305 N  N   . HIS B 2 37 ? 4.139   9.920   3.095   1.00 22.94 ?  156 HIS A N   1 
ATOM   306 C  CA  . HIS B 2 37 ? 4.011   9.195   4.352   1.00 23.06 ?  156 HIS A CA  1 
ATOM   307 C  C   . HIS B 2 37 ? 5.036   9.653   5.368   1.00 24.46 ?  156 HIS A C   1 
ATOM   308 O  O   . HIS B 2 37 ? 5.457   8.868   6.214   1.00 22.26 ?  156 HIS A O   1 
ATOM   309 C  CB  . HIS B 2 37 ? 4.132   7.688   4.147   1.00 23.95 ?  156 HIS A CB  1 
ATOM   310 C  CG  . HIS B 2 37 ? 3.155   7.150   3.155   1.00 18.08 ?  156 HIS A CG  1 
ATOM   311 N  ND1 . HIS B 2 37 ? 1.909   6.680   3.516   1.00 21.98 ?  156 HIS A ND1 1 
ATOM   312 C  CD2 . HIS B 2 37 ? 3.216   7.060   1.804   1.00 17.55 ?  156 HIS A CD2 1 
ATOM   313 C  CE1 . HIS B 2 37 ? 1.255   6.303   2.429   1.00 21.53 ?  156 HIS A CE1 1 
ATOM   314 N  NE2 . HIS B 2 37 ? 2.029   6.515   1.383   1.00 19.43 ?  156 HIS A NE2 1 
ATOM   315 N  N   . LYS B 2 38 ? 5.475   10.904  5.287   1.00 26.22 ?  157 LYS A N   1 
ATOM   316 C  CA  . LYS B 2 38 ? 6.446   11.351  6.266   1.00 28.17 ?  157 LYS A CA  1 
ATOM   317 C  C   . LYS B 2 38 ? 5.811   11.487  7.643   1.00 27.29 ?  157 LYS A C   1 
ATOM   318 O  O   . LYS B 2 38 ? 4.684   11.979  7.795   1.00 26.40 ?  157 LYS A O   1 
ATOM   319 C  CB  . LYS B 2 38 ? 7.149   12.631  5.815   1.00 29.95 ?  157 LYS A CB  1 
ATOM   320 C  CG  . LYS B 2 38 ? 7.791   12.491  4.437   1.00 34.88 ?  157 LYS A CG  1 
ATOM   321 C  CD  . LYS B 2 38 ? 8.083   13.834  3.801   1.00 38.01 ?  157 LYS A CD  1 
ATOM   322 C  CE  . LYS B 2 38 ? 9.294   13.760  2.910   1.00 36.15 ?  157 LYS A CE  1 
ATOM   323 N  NZ  . LYS B 2 38 ? 9.577   15.084  2.284   1.00 40.88 ?  157 LYS A NZ  1 
ATOM   324 N  N   . ASP B 2 39 ? 6.542   10.985  8.636   1.00 31.18 ?  158 ASP A N   1 
ATOM   325 C  CA  . ASP B 2 39 ? 6.109   10.785  10.012  1.00 28.20 ?  158 ASP A CA  1 
ATOM   326 C  C   . ASP B 2 39 ? 5.032   9.716   10.144  1.00 25.42 ?  158 ASP A C   1 
ATOM   327 O  O   . ASP B 2 39 ? 4.474   9.552   11.228  1.00 23.44 ?  158 ASP A O   1 
ATOM   328 C  CB  . ASP B 2 39 ? 5.647   12.103  10.664  1.00 30.77 ?  158 ASP A CB  1 
ATOM   329 C  CG  . ASP B 2 39 ? 6.823   12.955  11.204  1.00 39.99 ?  158 ASP A CG  1 
ATOM   330 O  OD1 . ASP B 2 39 ? 7.959   12.437  11.324  1.00 40.91 ?  158 ASP A OD1 1 
ATOM   331 O  OD2 . ASP B 2 39 ? 6.612   14.152  11.510  1.00 45.51 -1 158 ASP A OD2 1 
ATOM   332 N  N   . HIS B 2 40 ? 4.727   8.970   9.089   1.00 20.62 ?  159 HIS A N   1 
ATOM   333 C  CA  . HIS B 2 40 ? 3.804   7.860   9.259   1.00 17.69 ?  159 HIS A CA  1 
ATOM   334 C  C   . HIS B 2 40 ? 4.516   6.646   9.856   1.00 19.46 ?  159 HIS A C   1 
ATOM   335 O  O   . HIS B 2 40 ? 5.743   6.495   9.767   1.00 20.77 ?  159 HIS A O   1 
ATOM   336 C  CB  . HIS B 2 40 ? 3.169   7.458   7.921   1.00 19.42 ?  159 HIS A CB  1 
ATOM   337 C  CG  . HIS B 2 40 ? 2.256   8.486   7.352   1.00 22.34 ?  159 HIS A CG  1 
ATOM   338 N  ND1 . HIS B 2 40 ? 1.321   8.192   6.384   1.00 24.64 ?  159 HIS A ND1 1 
ATOM   339 C  CD2 . HIS B 2 40 ? 2.129   9.808   7.613   1.00 20.29 ?  159 HIS A CD2 1 
ATOM   340 C  CE1 . HIS B 2 40 ? 0.654   9.291   6.078   1.00 22.80 ?  159 HIS A CE1 1 
ATOM   341 N  NE2 . HIS B 2 40 ? 1.120   10.282  6.814   1.00 24.71 ?  159 HIS A NE2 1 
ATOM   342 N  N   . ASP B 2 41 ? 3.716   5.749   10.445  1.00 18.58 ?  160 ASP A N   1 
ATOM   343 C  CA  . ASP B 2 41 ? 4.201   4.465   10.953  1.00 23.02 ?  160 ASP A CA  1 
ATOM   344 C  C   . ASP B 2 41 ? 4.202   3.448   9.814   1.00 22.49 ?  160 ASP A C   1 
ATOM   345 O  O   . ASP B 2 41 ? 3.333   2.580   9.712   1.00 24.23 ?  160 ASP A O   1 
ATOM   346 C  CB  . ASP B 2 41 ? 3.321   3.977   12.095  1.00 23.35 ?  160 ASP A CB  1 
ATOM   347 C  CG  . ASP B 2 41 ? 3.783   2.628   12.667  1.00 25.18 ?  160 ASP A CG  1 
ATOM   348 O  OD1 . ASP B 2 41 ? 4.955   2.248   12.448  1.00 28.54 -1 160 ASP A OD1 1 
ATOM   349 O  OD2 . ASP B 2 41 ? 2.959   1.938   13.309  1.00 26.93 ?  160 ASP A OD2 1 
ATOM   350 N  N   . TYR B 2 42 ? 5.220   3.529   8.972   1.00 19.85 ?  161 TYR A N   1 
ATOM   351 C  CA  . TYR B 2 42 ? 5.292   2.653   7.812   1.00 20.46 ?  161 TYR A CA  1 
ATOM   352 C  C   . TYR B 2 42 ? 6.517   1.761   7.903   1.00 24.78 ?  161 TYR A C   1 
ATOM   353 O  O   . TYR B 2 42 ? 7.508   2.101   8.547   1.00 26.94 ?  161 TYR A O   1 
ATOM   354 C  CB  . TYR B 2 42 ? 5.349   3.451   6.517   1.00 24.19 ?  161 TYR A CB  1 
ATOM   355 C  CG  . TYR B 2 42 ? 6.611   4.276   6.333   1.00 22.02 ?  161 TYR A CG  1 
ATOM   356 C  CD1 . TYR B 2 42 ? 7.785   3.704   5.842   1.00 21.98 ?  161 TYR A CD1 1 
ATOM   357 C  CD2 . TYR B 2 42 ? 6.614   5.642   6.601   1.00 21.14 ?  161 TYR A CD2 1 
ATOM   358 C  CE1 . TYR B 2 42 ? 8.926   4.458   5.655   1.00 24.33 ?  161 TYR A CE1 1 
ATOM   359 C  CE2 . TYR B 2 42 ? 7.745   6.403   6.398   1.00 21.29 ?  161 TYR A CE2 1 
ATOM   360 C  CZ  . TYR B 2 42 ? 8.899   5.805   5.927   1.00 29.68 ?  161 TYR A CZ  1 
ATOM   361 O  OH  . TYR B 2 42 ? 10.037  6.562   5.740   1.00 35.09 ?  161 TYR A OH  1 
ATOM   362 N  N   . SER B 2 43 ? 6.457   0.626   7.210   1.00 21.24 ?  162 SER A N   1 
ATOM   363 C  CA  . SER B 2 43 ? 7.563   -0.322  7.180   1.00 21.44 ?  162 SER A CA  1 
ATOM   364 C  C   . SER B 2 43 ? 7.598   -0.994  5.819   1.00 19.80 ?  162 SER A C   1 
ATOM   365 O  O   . SER B 2 43 ? 6.559   -1.465  5.349   1.00 26.43 ?  162 SER A O   1 
ATOM   366 C  CB  . SER B 2 43 ? 7.414   -1.395  8.267   1.00 26.11 ?  162 SER A CB  1 
ATOM   367 O  OG  . SER B 2 43 ? 7.315   -0.852  9.572   1.00 37.43 ?  162 SER A OG  1 
ATOM   368 N  N   . ILE B 2 44 ? 8.775   -1.053  5.201   1.00 17.77 ?  163 ILE A N   1 
ATOM   369 C  CA  . ILE B 2 44 ? 8.950   -1.909  4.033   1.00 18.68 ?  163 ILE A CA  1 
ATOM   370 C  C   . ILE B 2 44 ? 9.131   -3.327  4.549   1.00 19.40 ?  163 ILE A C   1 
ATOM   371 O  O   . ILE B 2 44 ? 9.789   -3.537  5.574   1.00 21.98 ?  163 ILE A O   1 
ATOM   372 C  CB  . ILE B 2 44 ? 10.144  -1.450  3.174   1.00 20.99 ?  163 ILE A CB  1 
ATOM   373 C  CG1 . ILE B 2 44 ? 10.073  -2.100  1.785   1.00 25.46 ?  163 ILE A CG1 1 
ATOM   374 C  CG2 . ILE B 2 44 ? 11.485  -1.712  3.874   1.00 23.08 ?  163 ILE A CG2 1 
ATOM   375 C  CD1 . ILE B 2 44 ? 11.051  -1.535  0.789   1.00 28.75 ?  163 ILE A CD1 1 
ATOM   376 N  N   . MET B 2 45 ? 8.508   -4.300  3.887   1.00 22.16 ?  164 MET A N   1 
ATOM   377 C  CA  . MET B 2 45 ? 8.519   -5.670  4.398   1.00 22.35 ?  164 MET A CA  1 
ATOM   378 C  C   . MET B 2 45 ? 7.884   -6.608  3.375   1.00 22.23 ?  164 MET A C   1 
ATOM   379 O  O   . MET B 2 45 ? 7.378   -6.182  2.332   1.00 24.32 ?  164 MET A O   1 
ATOM   380 C  CB  . MET B 2 45 ? 7.801   -5.759  5.751   1.00 27.42 ?  164 MET A CB  1 
ATOM   381 C  CG  . MET B 2 45 ? 6.297   -5.553  5.696   1.00 22.58 ?  164 MET A CG  1 
ATOM   382 S  SD  . MET B 2 45 ? 5.573   -5.436  7.348   1.00 34.79 ?  164 MET A SD  1 
ATOM   383 C  CE  . MET B 2 45 ? 6.209   -6.942  8.082   1.00 35.15 ?  164 MET A CE  1 
ATOM   384 N  N   . TYR B 2 46 ? 7.934   -7.898  3.686   1.00 21.24 ?  165 TYR A N   1 
ATOM   385 C  CA  . TYR B 2 46 ? 7.266   -8.925  2.900   1.00 19.96 ?  165 TYR A CA  1 
ATOM   386 C  C   . TYR B 2 46 ? 5.865   -9.141  3.455   1.00 22.15 ?  165 TYR A C   1 
ATOM   387 O  O   . TYR B 2 46 ? 5.625   -9.013  4.656   1.00 25.76 ?  165 TYR A O   1 
ATOM   388 C  CB  . TYR B 2 46 ? 8.075   -10.227 2.918   1.00 20.32 ?  165 TYR A CB  1 
ATOM   389 C  CG  . TYR B 2 46 ? 9.466   -10.050 2.357   1.00 20.28 ?  165 TYR A CG  1 
ATOM   390 C  CD1 . TYR B 2 46 ? 9.683   -9.984  0.992   1.00 19.17 ?  165 TYR A CD1 1 
ATOM   391 C  CD2 . TYR B 2 46 ? 10.571  -9.926  3.196   1.00 21.58 ?  165 TYR A CD2 1 
ATOM   392 C  CE1 . TYR B 2 46 ? 10.945  -9.804  0.476   1.00 26.32 ?  165 TYR A CE1 1 
ATOM   393 C  CE2 . TYR B 2 46 ? 11.840  -9.757  2.678   1.00 21.11 ?  165 TYR A CE2 1 
ATOM   394 C  CZ  . TYR B 2 46 ? 12.023  -9.693  1.322   1.00 24.87 ?  165 TYR A CZ  1 
ATOM   395 O  OH  . TYR B 2 46 ? 13.294  -9.512  0.813   1.00 29.06 ?  165 TYR A OH  1 
ATOM   396 N  N   . THR B 2 47 ? 4.919   -9.416  2.562   1.00 23.00 ?  166 THR A N   1 
ATOM   397 C  CA  . THR B 2 47 ? 3.522   -9.487  2.958   1.00 21.68 ?  166 THR A CA  1 
ATOM   398 C  C   . THR B 2 47 ? 2.865   -10.787 2.523   1.00 22.04 ?  166 THR A C   1 
ATOM   399 O  O   . THR B 2 47 ? 1.637   -10.899 2.605   1.00 30.80 ?  166 THR A O   1 
ATOM   400 C  CB  . THR B 2 47 ? 2.724   -8.308  2.384   1.00 25.92 ?  166 THR A CB  1 
ATOM   401 O  OG1 . THR B 2 47 ? 2.635   -8.453  0.963   1.00 27.11 ?  166 THR A OG1 1 
ATOM   402 C  CG2 . THR B 2 47 ? 3.397   -6.961  2.702   1.00 23.88 ?  166 THR A CG2 1 
ATOM   403 N  N   . GLY B 2 48 ? 3.643   -11.771 2.074   1.00 21.78 ?  167 GLY A N   1 
ATOM   404 C  CA  . GLY B 2 48 ? 3.063   -12.993 1.564   1.00 22.95 ?  167 GLY A CA  1 
ATOM   405 C  C   . GLY B 2 48 ? 2.450   -12.811 0.202   1.00 25.55 ?  167 GLY A C   1 
ATOM   406 O  O   . GLY B 2 48 ? 1.522   -13.545 -0.153  1.00 28.15 ?  167 GLY A O   1 
ATOM   407 N  N   . GLY B 2 49 ? 2.942   -11.835 -0.570  1.00 24.05 ?  168 GLY A N   1 
ATOM   408 C  CA  . GLY B 2 49 ? 2.331   -11.451 -1.832  1.00 21.03 ?  168 GLY A CA  1 
ATOM   409 C  C   . GLY B 2 49 ? 1.144   -10.532 -1.604  1.00 21.01 ?  168 GLY A C   1 
ATOM   410 O  O   . GLY B 2 49 ? 0.771   -10.221 -0.479  1.00 28.35 ?  168 GLY A O   1 
ATOM   411 N  N   . GLY B 2 50 ? 0.532   -10.092 -2.686  1.00 21.72 ?  169 GLY A N   1 
ATOM   412 C  CA  . GLY B 2 50 ? -0.671  -9.305  -2.524  1.00 22.14 ?  169 GLY A CA  1 
ATOM   413 C  C   . GLY B 2 50 ? -1.005  -8.495  -3.756  1.00 25.93 ?  169 GLY A C   1 
ATOM   414 O  O   . GLY B 2 50 ? -0.341  -8.579  -4.799  1.00 19.35 ?  169 GLY A O   1 
ATOM   415 N  N   . CYS B 2 51 ? -2.083  -7.730  -3.620  1.00 26.92 ?  170 CYS A N   1 
ATOM   416 C  CA  A CYS B 2 51 ? -2.532  -6.765  -4.602  0.75 26.26 ?  170 CYS A CA  1 
ATOM   417 C  CA  B CYS B 2 51 ? -2.519  -6.769  -4.671  0.25 26.32 ?  170 CYS A CA  1 
ATOM   418 C  C   . CYS B 2 51 ? -2.520  -5.377  -3.973  1.00 23.64 ?  170 CYS A C   1 
ATOM   419 O  O   . CYS B 2 51 ? -2.806  -5.154  -2.749  1.00 32.16 ?  170 CYS A O   1 
ATOM   420 C  CB  A CYS B 2 51 ? -3.942  -7.071  -5.103  0.75 27.95 ?  170 CYS A CB  1 
ATOM   421 C  CB  B CYS B 2 51 ? -3.907  -7.110  -5.187  0.25 28.11 ?  170 CYS A CB  1 
ATOM   422 S  SG  A CYS B 2 51 ? -4.088  -8.636  -5.991  0.75 42.22 ?  170 CYS A SG  1 
ATOM   423 S  SG  B CYS B 2 51 ? -5.123  -7.308  -3.859  0.25 33.21 ?  170 CYS A SG  1 
ATOM   424 N  N   . CYS B 2 52 ? -2.141  -4.380  -4.742  1.00 24.30 ?  171 CYS A N   1 
ATOM   425 C  CA  . CYS B 2 52 ? -1.960  -3.059  -4.165  1.00 23.62 ?  171 CYS A CA  1 
ATOM   426 C  C   . CYS B 2 52 ? -3.297  -2.439  -3.768  1.00 25.12 ?  171 CYS A C   1 
ATOM   427 O  O   . CYS B 2 52 ? -4.294  -2.544  -4.490  1.00 26.94 ?  171 CYS A O   1 
ATOM   428 C  CB  . CYS B 2 52 ? -1.215  -2.162  -5.145  1.00 18.34 ?  171 CYS A CB  1 
ATOM   429 S  SG  . CYS B 2 52 ? -0.802  -0.551  -4.451  1.00 20.10 ?  171 CYS A SG  1 
ATOM   430 N  N   . ASP B 2 53 ? -3.316  -1.804  -2.599  1.00 22.94 ?  172 ASP A N   1 
ATOM   431 C  CA  . ASP B 2 53 ? -4.513  -1.142  -2.099  1.00 23.55 ?  172 ASP A CA  1 
ATOM   432 C  C   . ASP B 2 53 ? -4.551  0.344   -2.420  1.00 24.00 ?  172 ASP A C   1 
ATOM   433 O  O   . ASP B 2 53 ? -5.488  1.030   -1.998  1.00 23.93 ?  172 ASP A O   1 
ATOM   434 C  CB  . ASP B 2 53 ? -4.628  -1.339  -0.586  1.00 24.72 ?  172 ASP A CB  1 
ATOM   435 C  CG  . ASP B 2 53 ? -4.945  -2.775  -0.207  1.00 25.60 ?  172 ASP A CG  1 
ATOM   436 O  OD1 . ASP B 2 53 ? -5.702  -3.445  -0.930  1.00 27.89 ?  172 ASP A OD1 1 
ATOM   437 O  OD2 . ASP B 2 53 ? -4.423  -3.243  0.823   1.00 28.41 -1 172 ASP A OD2 1 
ATOM   438 N  N   . CYS B 2 54 ? -3.577  0.865   -3.156  1.00 20.32 ?  173 CYS A N   1 
ATOM   439 C  CA  . CYS B 2 54 ? -3.545  2.297   -3.398  1.00 20.79 ?  173 CYS A CA  1 
ATOM   440 C  C   . CYS B 2 54 ? -4.706  2.691   -4.294  1.00 24.30 ?  173 CYS A C   1 
ATOM   441 O  O   . CYS B 2 54 ? -4.879  2.136   -5.381  1.00 24.90 ?  173 CYS A O   1 
ATOM   442 C  CB  . CYS B 2 54 ? -2.214  2.705   -4.023  1.00 18.88 ?  173 CYS A CB  1 
ATOM   443 S  SG  . CYS B 2 54 ? -2.036  4.467   -4.261  1.00 24.50 ?  173 CYS A SG  1 
ATOM   444 N  N   . GLY B 2 55 ? -5.505  3.649   -3.834  1.00 20.35 ?  174 GLY A N   1 
ATOM   445 C  CA  . GLY B 2 55 ? -6.669  4.093   -4.569  1.00 24.44 ?  174 GLY A CA  1 
ATOM   446 C  C   . GLY B 2 55 ? -7.976  3.523   -4.063  1.00 26.70 ?  174 GLY A C   1 
ATOM   447 O  O   . GLY B 2 55 ? -9.044  4.037   -4.431  1.00 31.78 ?  174 GLY A O   1 
ATOM   448 N  N   . ASP B 2 56 ? -7.927  2.497   -3.224  1.00 26.07 ?  175 ASP A N   1 
ATOM   449 C  CA  . ASP B 2 56 ? -9.127  1.834   -2.730  1.00 25.97 ?  175 ASP A CA  1 
ATOM   450 C  C   . ASP B 2 56 ? -9.521  2.458   -1.396  1.00 29.16 ?  175 ASP A C   1 
ATOM   451 O  O   . ASP B 2 56 ? -8.856  2.234   -0.373  1.00 25.78 ?  175 ASP A O   1 
ATOM   452 C  CB  . ASP B 2 56 ? -8.882  0.332   -2.597  1.00 25.88 ?  175 ASP A CB  1 
ATOM   453 C  CG  . ASP B 2 56 ? -10.129 -0.438  -2.132  1.00 31.61 ?  175 ASP A CG  1 
ATOM   454 O  OD1 . ASP B 2 56 ? -11.194 0.184   -1.916  1.00 34.79 -1 175 ASP A OD1 1 
ATOM   455 O  OD2 . ASP B 2 56 ? -10.053 -1.682  -2.011  1.00 39.05 ?  175 ASP A OD2 1 
ATOM   456 N  N   . THR B 2 57 ? -10.615 3.224   -1.399  1.00 31.38 ?  176 THR A N   1 
ATOM   457 C  CA  . THR B 2 57 ? -11.054 3.912   -0.189  1.00 28.81 ?  176 THR A CA  1 
ATOM   458 C  C   . THR B 2 57 ? -11.489 2.947   0.898   1.00 31.21 ?  176 THR A C   1 
ATOM   459 O  O   . THR B 2 57 ? -11.465 3.312   2.074   1.00 34.21 ?  176 THR A O   1 
ATOM   460 C  CB  . THR B 2 57 ? -12.213 4.851   -0.489  1.00 36.92 ?  176 THR A CB  1 
ATOM   461 O  OG1 . THR B 2 57 ? -13.164 4.174   -1.318  1.00 36.30 ?  176 THR A OG1 1 
ATOM   462 C  CG2 . THR B 2 57 ? -11.708 6.070   -1.234  1.00 39.41 ?  176 THR A CG2 1 
ATOM   463 N  N   . THR B 2 58 ? -11.908 1.735   0.531   1.00 30.51 ?  177 THR A N   1 
ATOM   464 C  CA  . THR B 2 58 ? -12.267 0.744   1.538   1.00 32.35 ?  177 THR A CA  1 
ATOM   465 C  C   . THR B 2 58 ? -11.050 0.165   2.248   1.00 28.13 ?  177 THR A C   1 
ATOM   466 O  O   . THR B 2 58 ? -11.197 -0.381  3.342   1.00 29.87 ?  177 THR A O   1 
ATOM   467 C  CB  . THR B 2 58 ? -13.113 -0.377  0.899   1.00 33.17 ?  177 THR A CB  1 
ATOM   468 O  OG1 . THR B 2 58 ? -12.265 -1.368  0.297   1.00 37.49 ?  177 THR A OG1 1 
ATOM   469 C  CG2 . THR B 2 58 ? -14.074 0.178   -0.143  1.00 37.98 ?  177 THR A CG2 1 
ATOM   470 N  N   . ALA B 2 59 ? -9.849  0.288   1.678   1.00 27.46 ?  178 ALA A N   1 
ATOM   471 C  CA  . ALA B 2 59 ? -8.667  -0.329  2.272   1.00 27.13 ?  178 ALA A CA  1 
ATOM   472 C  C   . ALA B 2 59 ? -7.622  0.660   2.769   1.00 21.78 ?  178 ALA A C   1 
ATOM   473 O  O   . ALA B 2 59 ? -6.826  0.302   3.639   1.00 28.03 ?  178 ALA A O   1 
ATOM   474 C  CB  . ALA B 2 59 ? -7.990  -1.279  1.272   1.00 30.56 ?  178 ALA A CB  1 
ATOM   475 N  N   . TRP B 2 60 ? -7.615  1.888   2.264   1.00 25.45 ?  179 TRP A N   1 
ATOM   476 C  CA  . TRP B 2 60 ? -6.500  2.790   2.478   1.00 24.49 ?  179 TRP A CA  1 
ATOM   477 C  C   . TRP B 2 60 ? -7.033  4.216   2.544   1.00 27.78 ?  179 TRP A C   1 
ATOM   478 O  O   . TRP B 2 60 ? -7.868  4.607   1.720   1.00 28.07 ?  179 TRP A O   1 
ATOM   479 C  CB  . TRP B 2 60 ? -5.507  2.630   1.327   1.00 25.01 ?  179 TRP A CB  1 
ATOM   480 C  CG  . TRP B 2 60 ? -4.093  3.056   1.574   1.00 21.11 ?  179 TRP A CG  1 
ATOM   481 C  CD1 . TRP B 2 60 ? -3.516  4.231   1.185   1.00 22.79 ?  179 TRP A CD1 1 
ATOM   482 C  CD2 . TRP B 2 60 ? -3.043  2.267   2.150   1.00 23.48 ?  179 TRP A CD2 1 
ATOM   483 N  NE1 . TRP B 2 60 ? -2.187  4.245   1.532   1.00 22.70 ?  179 TRP A NE1 1 
ATOM   484 C  CE2 . TRP B 2 60 ? -1.869  3.048   2.120   1.00 22.61 ?  179 TRP A CE2 1 
ATOM   485 C  CE3 . TRP B 2 60 ? -2.992  0.992   2.721   1.00 21.95 ?  179 TRP A CE3 1 
ATOM   486 C  CZ2 . TRP B 2 60 ? -0.660  2.589   2.616   1.00 18.87 ?  179 TRP A CZ2 1 
ATOM   487 C  CZ3 . TRP B 2 60 ? -1.786  0.536   3.222   1.00 21.63 ?  179 TRP A CZ3 1 
ATOM   488 C  CH2 . TRP B 2 60 ? -0.637  1.331   3.160   1.00 21.43 ?  179 TRP A CH2 1 
ATOM   489 N  N   . LYS B 2 61 ? -6.543  4.987   3.514   1.00 24.72 ?  180 LYS A N   1 
ATOM   490 C  CA  . LYS B 2 61 ? -6.979  6.369   3.670   1.00 25.98 ?  180 LYS A CA  1 
ATOM   491 C  C   . LYS B 2 61 ? -6.579  7.203   2.451   1.00 24.36 ?  180 LYS A C   1 
ATOM   492 O  O   . LYS B 2 61 ? -5.501  7.028   1.881   1.00 25.48 ?  180 LYS A O   1 
ATOM   493 C  CB  . LYS B 2 61 ? -6.382  6.941   4.954   1.00 32.46 ?  180 LYS A CB  1 
ATOM   494 C  CG  . LYS B 2 61 ? -7.082  6.432   6.197   1.00 25.53 ?  180 LYS A CG  1 
ATOM   495 C  CD  . LYS B 2 61 ? -6.332  6.816   7.475   1.00 23.77 ?  180 LYS A CD  1 
ATOM   496 C  CE  . LYS B 2 61 ? -6.469  5.751   8.562   1.00 27.71 ?  180 LYS A CE  1 
ATOM   497 N  NZ  . LYS B 2 61 ? -5.877  6.207   9.864   1.00 31.27 ?  180 LYS A NZ  1 
ATOM   498 N  N   . ARG B 2 62 ? -7.468  8.117   2.039   1.00 28.66 ?  181 ARG A N   1 
ATOM   499 C  CA  . ARG B 2 62 ? -7.243  8.867   0.798   1.00 29.60 ?  181 ARG A CA  1 
ATOM   500 C  C   . ARG B 2 62 ? -5.966  9.699   0.854   1.00 26.29 ?  181 ARG A C   1 
ATOM   501 O  O   . ARG B 2 62 ? -5.309  9.900   -0.173  1.00 28.67 ?  181 ARG A O   1 
ATOM   502 C  CB  . ARG B 2 62 ? -8.446  9.769   0.494   1.00 30.04 ?  181 ARG A CB  1 
ATOM   503 C  CG  . ARG B 2 62 ? -9.654  9.036   -0.055  1.00 36.78 ?  181 ARG A CG  1 
ATOM   504 C  CD  . ARG B 2 62 ? -10.891 9.925   -0.083  1.00 41.84 ?  181 ARG A CD  1 
ATOM   505 N  NE  . ARG B 2 62 ? -12.125 9.155   0.051   1.00 41.00 ?  181 ARG A NE  1 
ATOM   506 C  CZ  . ARG B 2 62 ? -13.097 9.114   -0.853  1.00 49.28 ?  181 ARG A CZ  1 
ATOM   507 N  NH1 . ARG B 2 62 ? -13.030 9.810   -1.977  1.00 49.46 ?  181 ARG A NH1 1 
ATOM   508 N  NH2 . ARG B 2 62 ? -14.167 8.358   -0.620  1.00 45.13 ?  181 ARG A NH2 1 
ATOM   509 N  N   . GLU B 2 63 ? -5.590  10.178  2.041   1.00 31.70 ?  182 GLU A N   1 
ATOM   510 C  CA  . GLU B 2 63 ? -4.393  11.000  2.171   1.00 30.45 ?  182 GLU A CA  1 
ATOM   511 C  C   . GLU B 2 63 ? -3.129  10.206  1.884   1.00 27.47 ?  182 GLU A C   1 
ATOM   512 O  O   . GLU B 2 63 ? -2.078  10.801  1.619   1.00 32.99 ?  182 GLU A O   1 
ATOM   513 C  CB  . GLU B 2 63 ? -4.327  11.600  3.575   1.00 30.38 ?  182 GLU A CB  1 
ATOM   514 C  CG  . GLU B 2 63 ? -5.650  12.151  4.084   1.00 42.02 ?  182 GLU A CG  1 
ATOM   515 C  CD  . GLU B 2 63 ? -6.607  11.045  4.538   1.00 48.14 ?  182 GLU A CD  1 
ATOM   516 O  OE1 . GLU B 2 63 ? -7.419  10.568  3.706   1.00 45.06 ?  182 GLU A OE1 1 
ATOM   517 O  OE2 . GLU B 2 63 ? -6.554  10.657  5.730   1.00 60.56 -1 182 GLU A OE2 1 
ATOM   518 N  N   . GLY B 2 64 ? -3.214  8.876   1.922   1.00 24.18 ?  183 GLY A N   1 
ATOM   519 C  CA  . GLY B 2 64 ? -2.100  8.004   1.651   1.00 24.27 ?  183 GLY A CA  1 
ATOM   520 C  C   . GLY B 2 64 ? -2.034  7.481   0.242   1.00 21.84 ?  183 GLY A C   1 
ATOM   521 O  O   . GLY B 2 64 ? -1.118  6.716   -0.065  1.00 22.72 ?  183 GLY A O   1 
ATOM   522 N  N   . PHE B 2 65 ? -2.966  7.876   -0.626  1.00 20.43 ?  184 PHE A N   1 
ATOM   523 C  CA  . PHE B 2 65 ? -2.887  7.491   -2.031  1.00 23.33 ?  184 PHE A CA  1 
ATOM   524 C  C   . PHE B 2 65 ? -1.715  8.190   -2.707  1.00 24.72 ?  184 PHE A C   1 
ATOM   525 O  O   . PHE B 2 65 ? -1.414  9.353   -2.427  1.00 31.13 ?  184 PHE A O   1 
ATOM   526 C  CB  . PHE B 2 65 ? -4.160  7.866   -2.792  1.00 26.01 ?  184 PHE A CB  1 
ATOM   527 C  CG  . PHE B 2 65 ? -5.408  7.141   -2.356  1.00 29.14 ?  184 PHE A CG  1 
ATOM   528 C  CD1 . PHE B 2 65 ? -5.357  6.066   -1.485  1.00 26.13 ?  184 PHE A CD1 1 
ATOM   529 C  CD2 . PHE B 2 65 ? -6.646  7.531   -2.870  1.00 29.22 ?  184 PHE A CD2 1 
ATOM   530 C  CE1 . PHE B 2 65 ? -6.524  5.410   -1.111  1.00 30.82 ?  184 PHE A CE1 1 
ATOM   531 C  CE2 . PHE B 2 65 ? -7.810  6.885   -2.502  1.00 27.26 ?  184 PHE A CE2 1 
ATOM   532 C  CZ  . PHE B 2 65 ? -7.749  5.824   -1.614  1.00 27.76 ?  184 PHE A CZ  1 
ATOM   533 N  N   . CYS B 2 66 ? -1.079  7.496   -3.639  1.00 24.74 ?  185 CYS A N   1 
ATOM   534 C  CA  . CYS B 2 66 ? -0.047  8.148   -4.419  1.00 27.16 ?  185 CYS A CA  1 
ATOM   535 C  C   . CYS B 2 66 ? -0.672  9.162   -5.379  1.00 30.23 ?  185 CYS A C   1 
ATOM   536 O  O   . CYS B 2 66 ? -1.892  9.253   -5.536  1.00 26.85 ?  185 CYS A O   1 
ATOM   537 C  CB  . CYS B 2 66 ? 0.790   7.110   -5.167  1.00 24.44 ?  185 CYS A CB  1 
ATOM   538 S  SG  . CYS B 2 66 ? 0.085   6.518   -6.720  1.00 24.81 ?  185 CYS A SG  1 
ATOM   539 N  N   . SER B 2 67 ? 0.197   9.947   -6.015  1.00 26.01 ?  186 SER A N   1 
ATOM   540 C  CA  . SER B 2 67 ? -0.240  10.973  -6.956  1.00 29.33 ?  186 SER A CA  1 
ATOM   541 C  C   . SER B 2 67 ? -0.995  10.396  -8.150  1.00 34.41 ?  186 SER A C   1 
ATOM   542 O  O   . SER B 2 67 ? -1.827  11.096  -8.740  1.00 38.03 ?  186 SER A O   1 
ATOM   543 C  CB  . SER B 2 67 ? 0.983   11.775  -7.413  1.00 33.06 ?  186 SER A CB  1 
ATOM   544 O  OG  . SER B 2 67 ? 1.872   10.984  -8.190  1.00 45.46 ?  186 SER A OG  1 
ATOM   545 N  N   . ARG B 2 68 ? -0.763  9.128   -8.481  1.00 33.03 ?  187 ARG A N   1 
ATOM   546 C  CA  . ARG B 2 68 ? -1.249  8.513   -9.708  1.00 31.55 ?  187 ARG A CA  1 
ATOM   547 C  C   . ARG B 2 68 ? -2.557  7.752   -9.521  1.00 32.12 ?  187 ARG A C   1 
ATOM   548 O  O   . ARG B 2 68 ? -3.120  7.272   -10.508 1.00 37.21 ?  187 ARG A O   1 
ATOM   549 C  CB  . ARG B 2 68 ? -0.165  7.571   -10.259 1.00 31.61 ?  187 ARG A CB  1 
ATOM   550 C  CG  . ARG B 2 68 ? 1.158   8.324   -10.444 1.00 37.72 ?  187 ARG A CG  1 
ATOM   551 C  CD  . ARG B 2 68 ? 2.326   7.572   -11.097 1.00 39.55 ?  187 ARG A CD  1 
ATOM   552 N  NE  . ARG B 2 68 ? 2.001   7.018   -12.402 1.00 34.53 ?  187 ARG A NE  1 
ATOM   553 C  CZ  . ARG B 2 68 ? 1.493   5.811   -12.596 1.00 37.85 ?  187 ARG A CZ  1 
ATOM   554 N  NH1 . ARG B 2 68 ? 1.357   4.950   -11.602 1.00 31.10 ?  187 ARG A NH1 1 
ATOM   555 N  NH2 . ARG B 2 68 ? 1.132   5.452   -13.823 1.00 33.93 ?  187 ARG A NH2 1 
ATOM   556 N  N   . HIS B 2 69 ? -3.052  7.623   -8.285  1.00 30.08 ?  188 HIS A N   1 
ATOM   557 C  CA  . HIS B 2 69 ? -4.300  6.924   -8.015  1.00 32.16 ?  188 HIS A CA  1 
ATOM   558 C  C   . HIS B 2 69 ? -5.199  7.741   -7.103  1.00 37.19 ?  188 HIS A C   1 
ATOM   559 O  O   . HIS B 2 69 ? -6.266  7.259   -6.701  1.00 44.10 ?  188 HIS A O   1 
ATOM   560 C  CB  . HIS B 2 69 ? -4.027  5.548   -7.400  1.00 31.44 ?  188 HIS A CB  1 
ATOM   561 C  CG  . HIS B 2 69 ? -3.200  4.672   -8.282  1.00 32.90 ?  188 HIS A CG  1 
ATOM   562 N  ND1 . HIS B 2 69 ? -1.923  4.273   -7.954  1.00 25.83 ?  188 HIS A ND1 1 
ATOM   563 C  CD2 . HIS B 2 69 ? -3.436  4.195   -9.525  1.00 25.07 ?  188 HIS A CD2 1 
ATOM   564 C  CE1 . HIS B 2 69 ? -1.427  3.539   -8.936  1.00 26.16 ?  188 HIS A CE1 1 
ATOM   565 N  NE2 . HIS B 2 69 ? -2.320  3.494   -9.911  1.00 28.93 ?  188 HIS A NE2 1 
ATOM   566 N  N   . LYS B 2 70 ? -4.794  8.965   -6.779  1.00 45.91 ?  189 LYS A N   1 
ATOM   567 C  CA  . LYS B 2 70 ? -5.601  9.882   -5.990  1.00 44.20 ?  189 LYS A CA  1 
ATOM   568 C  C   . LYS B 2 70 ? -6.857  10.276  -6.759  1.00 45.31 ?  189 LYS A C   1 
ATOM   569 O  O   . LYS B 2 70 ? -6.833  11.202  -7.565  1.00 54.26 ?  189 LYS A O   1 
ATOM   570 C  CB  . LYS B 2 70 ? -4.782  11.123  -5.619  1.00 39.97 ?  189 LYS A CB  1 
ATOM   571 C  CG  . LYS B 2 70 ? -4.935  11.518  -4.162  1.00 44.69 ?  189 LYS A CG  1 
ATOM   572 C  CD  . LYS B 2 70 ? -3.683  12.196  -3.621  1.00 49.66 ?  189 LYS A CD  1 
ATOM   573 C  CE  . LYS B 2 70 ? -3.838  12.556  -2.144  1.00 46.79 ?  189 LYS A CE  1 
ATOM   574 N  NZ  . LYS B 2 70 ? -4.677  13.769  -1.905  1.00 55.03 ?  189 LYS A NZ  1 
HETATM 575 ZN ZN  . ZN  C 3 .  ? -0.855  4.484   -6.261  1.00 23.98 ?  201 ZN  A ZN  1 
HETATM 576 ZN ZN  . ZN  D 3 .  ? 0.365   0.354   -6.273  1.00 21.35 ?  202 ZN  A ZN  1 
HETATM 577 ZN ZN  . ZN  E 3 .  ? 0.912   6.396   5.354   1.00 20.35 ?  203 ZN  A ZN  1 
HETATM 578 O  O   . HOH F 4 .  ? 7.140   9.951   -1.375  1.00 36.49 ?  301 HOH A O   1 
HETATM 579 O  O   . HOH F 4 .  ? 11.432  -8.611  -5.635  1.00 40.75 ?  302 HOH A O   1 
HETATM 580 O  O   . HOH F 4 .  ? 8.724   9.942   8.064   1.00 38.66 ?  303 HOH A O   1 
HETATM 581 O  O   . HOH F 4 .  ? -3.621  4.327   12.399  1.00 33.28 ?  304 HOH A O   1 
HETATM 582 O  O   . HOH F 4 .  ? 8.604   5.227   -7.835  1.00 30.71 ?  305 HOH A O   1 
HETATM 583 O  O   . HOH F 4 .  ? 3.389   -0.123  14.751  1.00 43.95 ?  306 HOH A O   1 
HETATM 584 O  O   . HOH F 4 .  ? 15.123  -8.690  2.431   1.00 33.80 ?  307 HOH A O   1 
HETATM 585 O  O   . HOH F 4 .  ? 11.610  2.081   -1.258  1.00 41.41 ?  308 HOH A O   1 
HETATM 586 O  O   . HOH F 4 .  ? 11.588  3.323   2.799   1.00 38.18 ?  309 HOH A O   1 
HETATM 587 O  O   . HOH F 4 .  ? 8.394   4.382   9.597   1.00 34.77 ?  310 HOH A O   1 
HETATM 588 O  O   . HOH F 4 .  ? -12.166 -1.990  -3.609  1.00 41.88 ?  311 HOH A O   1 
HETATM 589 O  O   . HOH F 4 .  ? -10.361 5.583   2.960   1.00 30.51 ?  312 HOH A O   1 
HETATM 590 O  O   . HOH F 4 .  ? -0.184  11.982  3.516   1.00 39.84 ?  313 HOH A O   1 
HETATM 591 O  O   . HOH F 4 .  ? 0.168   10.231  -0.128  1.00 28.43 ?  314 HOH A O   1 
HETATM 592 O  O   . HOH F 4 .  ? 1.267   6.427   -1.275  1.00 21.41 ?  315 HOH A O   1 
HETATM 593 O  O   . HOH F 4 .  ? 6.154   13.651  0.743   1.00 39.96 ?  316 HOH A O   1 
HETATM 594 O  O   . HOH F 4 .  ? -0.531  -1.311  6.061   1.00 24.19 ?  317 HOH A O   1 
HETATM 595 O  O   . HOH F 4 .  ? 8.175   7.728   9.517   1.00 29.99 ?  318 HOH A O   1 
HETATM 596 O  O   . HOH F 4 .  ? 3.615   -8.854  6.529   1.00 32.58 ?  319 HOH A O   1 
HETATM 597 O  O   . HOH F 4 .  ? -5.638  -1.459  11.205  1.00 37.82 ?  320 HOH A O   1 
HETATM 598 O  O   . HOH F 4 .  ? 8.140   -14.496 -4.721  1.00 33.12 ?  321 HOH A O   1 
HETATM 599 O  O   . HOH F 4 .  ? 8.495   -12.475 -7.133  1.00 38.76 ?  322 HOH A O   1 
HETATM 600 O  O   . HOH F 4 .  ? 5.578   -10.217 -0.031  1.00 22.32 ?  323 HOH A O   1 
HETATM 601 O  O   . HOH F 4 .  ? 8.726   -5.133  -4.854  1.00 35.19 ?  324 HOH A O   1 
HETATM 602 O  O   . HOH F 4 .  ? 6.010   -13.253 2.470   1.00 31.67 ?  325 HOH A O   1 
HETATM 603 O  O   . HOH F 4 .  ? 7.321   8.182   -0.018  1.00 29.65 ?  326 HOH A O   1 
HETATM 604 O  O   . HOH F 4 .  ? 5.788   -3.759  -4.359  1.00 29.79 ?  327 HOH A O   1 
HETATM 605 O  O   . HOH F 4 .  ? 6.792   9.547   2.103   1.00 33.87 ?  328 HOH A O   1 
HETATM 606 O  O   . HOH F 4 .  ? 4.229   13.002  3.748   1.00 38.20 ?  329 HOH A O   1 
HETATM 607 O  O   . HOH F 4 .  ? -11.827 3.252   -4.345  1.00 41.22 ?  330 HOH A O   1 
HETATM 608 O  O   . HOH F 4 .  ? -6.591  3.833   -14.088 1.00 41.07 ?  331 HOH A O   1 
HETATM 609 O  O   . HOH F 4 .  ? 11.288  -6.832  -3.850  1.00 31.62 ?  332 HOH A O   1 
HETATM 610 O  O   . HOH F 4 .  ? -9.133  6.449   -6.466  1.00 44.58 ?  333 HOH A O   1 
HETATM 611 O  O   . HOH F 4 .  ? 13.049  -9.013  -2.154  1.00 33.05 ?  334 HOH A O   1 
HETATM 612 O  O   . HOH F 4 .  ? 0.396   13.278  6.704   1.00 47.14 ?  335 HOH A O   1 
HETATM 613 O  O   . HOH F 4 .  ? 2.604   5.275   -8.617  1.00 29.95 ?  336 HOH A O   1 
HETATM 614 O  O   . HOH F 4 .  ? 1.979   -5.964  -11.494 1.00 38.63 ?  337 HOH A O   1 
HETATM 615 O  O   . HOH F 4 .  ? -2.193  12.707  -11.713 1.00 40.80 ?  338 HOH A O   1 
HETATM 616 O  O   . HOH F 4 .  ? 2.480   2.867   -8.861  1.00 36.52 ?  339 HOH A O   1 
HETATM 617 O  O   . HOH F 4 .  ? -2.729  -11.789 -5.138  1.00 47.83 ?  340 HOH A O   1 
HETATM 618 O  O   . HOH F 4 .  ? 6.417   -4.409  -6.417  1.00 38.73 ?  341 HOH A O   1 
# 
